data_2L3U
#
_entry.id   2L3U
#
_entity_poly.entity_id   1
_entity_poly.type   'polypeptide(L)'
_entity_poly.pdbx_seq_one_letter_code
;MKTLYDLPIVLRNLPEDLVLEKPLPEVSVTIRAYPEILNNLTKEQISLWIDATGKAVGEHTVKIYWQLPAGIEMVSIPDV
TYTLKAKEDPLEHHHHHH
;
_entity_poly.pdbx_strand_id   A
#
# COMPACT_ATOMS: atom_id res chain seq x y z
N MET A 1 -14.50 7.25 -15.13
CA MET A 1 -14.76 8.63 -14.64
C MET A 1 -13.57 9.09 -13.80
N LYS A 2 -12.41 8.49 -14.05
CA LYS A 2 -11.19 8.84 -13.31
C LYS A 2 -9.96 8.22 -13.99
N THR A 3 -8.81 8.35 -13.33
CA THR A 3 -7.55 7.80 -13.85
C THR A 3 -6.50 7.70 -12.74
N LEU A 4 -6.69 8.46 -11.68
CA LEU A 4 -5.75 8.46 -10.56
C LEU A 4 -5.70 7.10 -9.86
N TYR A 5 -6.86 6.57 -9.51
CA TYR A 5 -6.95 5.29 -8.80
C TYR A 5 -5.98 5.25 -7.60
N ASP A 6 -6.38 5.86 -6.49
CA ASP A 6 -5.55 5.90 -5.28
C ASP A 6 -5.59 4.57 -4.55
N LEU A 7 -6.62 3.78 -4.82
CA LEU A 7 -6.82 2.47 -4.21
C LEU A 7 -6.93 2.57 -2.67
N PRO A 8 -7.62 1.69 -2.00
CA PRO A 8 -7.74 1.75 -0.50
C PRO A 8 -6.37 1.77 0.19
N ILE A 9 -5.35 1.31 -0.52
CA ILE A 9 -4.00 1.26 0.05
C ILE A 9 -3.32 2.63 -0.06
N VAL A 10 -2.93 3.16 1.10
CA VAL A 10 -2.26 4.47 1.16
C VAL A 10 -0.79 4.30 1.53
N LEU A 11 0.08 5.12 0.95
CA LEU A 11 1.52 5.04 1.23
C LEU A 11 1.93 6.18 2.17
N ARG A 12 2.54 5.84 3.30
CA ARG A 12 3.01 6.82 4.29
C ARG A 12 4.53 6.93 4.23
N ASN A 13 5.02 8.10 4.60
CA ASN A 13 6.45 8.38 4.60
C ASN A 13 7.06 8.11 3.23
N LEU A 14 6.39 8.61 2.20
CA LEU A 14 6.86 8.44 0.80
C LEU A 14 7.93 9.52 0.42
N PRO A 15 9.19 9.21 0.42
CA PRO A 15 10.21 10.25 0.00
C PRO A 15 9.97 10.69 -1.45
N GLU A 16 9.71 11.96 -1.69
CA GLU A 16 9.48 12.49 -3.04
C GLU A 16 10.57 12.00 -4.02
N ASP A 17 11.83 12.20 -3.64
CA ASP A 17 12.98 11.79 -4.47
C ASP A 17 12.77 10.42 -5.12
N LEU A 18 11.89 9.62 -4.54
CA LEU A 18 11.57 8.27 -5.05
C LEU A 18 10.12 8.27 -5.55
N VAL A 19 9.87 7.50 -6.61
CA VAL A 19 8.51 7.40 -7.20
C VAL A 19 8.22 5.97 -7.64
N LEU A 20 6.93 5.63 -7.61
CA LEU A 20 6.45 4.30 -8.01
C LEU A 20 6.08 4.31 -9.49
N GLU A 21 6.70 3.42 -10.27
CA GLU A 21 6.43 3.32 -11.70
C GLU A 21 4.94 3.06 -11.96
N LYS A 22 4.29 2.34 -11.06
CA LYS A 22 2.86 2.00 -11.24
C LYS A 22 2.15 1.86 -9.86
N PRO A 23 0.86 2.05 -9.79
CA PRO A 23 0.10 1.95 -8.50
C PRO A 23 0.16 0.53 -7.92
N LEU A 24 -0.05 0.45 -6.61
CA LEU A 24 -0.02 -0.83 -5.88
C LEU A 24 -1.08 -1.84 -6.43
N PRO A 25 -0.67 -2.93 -7.03
CA PRO A 25 -1.68 -3.93 -7.56
C PRO A 25 -2.71 -4.39 -6.51
N GLU A 26 -3.99 -4.41 -6.90
CA GLU A 26 -5.06 -4.83 -6.00
C GLU A 26 -5.01 -6.34 -5.78
N VAL A 27 -5.33 -6.75 -4.57
CA VAL A 27 -5.33 -8.17 -4.19
C VAL A 27 -6.41 -8.46 -3.14
N SER A 28 -6.93 -9.69 -3.14
CA SER A 28 -7.98 -10.10 -2.19
C SER A 28 -7.35 -10.60 -0.88
N VAL A 29 -8.14 -10.58 0.19
CA VAL A 29 -7.69 -11.02 1.53
C VAL A 29 -8.69 -12.00 2.13
N THR A 30 -8.26 -12.88 3.04
CA THR A 30 -9.18 -13.83 3.68
C THR A 30 -9.18 -13.59 5.20
N ILE A 31 -10.35 -13.35 5.76
CA ILE A 31 -10.53 -13.12 7.20
C ILE A 31 -11.47 -14.17 7.78
N ARG A 32 -11.35 -14.39 9.08
CA ARG A 32 -12.21 -15.37 9.80
C ARG A 32 -12.81 -14.72 11.05
N ALA A 33 -14.13 -14.55 11.06
CA ALA A 33 -14.81 -13.94 12.19
C ALA A 33 -16.32 -14.15 12.09
N TYR A 34 -17.05 -13.65 13.08
CA TYR A 34 -18.51 -13.79 13.11
C TYR A 34 -19.18 -12.95 11.98
N PRO A 35 -20.30 -13.35 11.46
CA PRO A 35 -21.00 -12.56 10.39
C PRO A 35 -21.64 -11.27 10.94
N GLU A 36 -21.97 -11.28 12.23
CA GLU A 36 -22.60 -10.11 12.88
C GLU A 36 -21.68 -8.89 12.83
N ILE A 37 -20.39 -9.12 13.07
CA ILE A 37 -19.39 -8.02 13.06
C ILE A 37 -18.92 -7.76 11.64
N LEU A 38 -18.83 -8.80 10.83
CA LEU A 38 -18.40 -8.65 9.42
C LEU A 38 -19.49 -7.94 8.63
N ASN A 39 -20.74 -8.20 8.98
CA ASN A 39 -21.89 -7.59 8.29
C ASN A 39 -22.11 -6.16 8.80
N ASN A 40 -21.49 -5.85 9.93
CA ASN A 40 -21.60 -4.51 10.55
C ASN A 40 -20.33 -3.67 10.31
N LEU A 41 -19.18 -4.34 10.30
CA LEU A 41 -17.90 -3.68 10.10
C LEU A 41 -17.81 -3.14 8.67
N THR A 42 -17.19 -1.97 8.53
CA THR A 42 -17.03 -1.32 7.22
C THR A 42 -15.56 -1.24 6.84
N LYS A 43 -15.29 -0.95 5.58
CA LYS A 43 -13.92 -0.86 5.06
C LYS A 43 -13.21 0.37 5.64
N GLU A 44 -13.94 1.46 5.82
CA GLU A 44 -13.39 2.73 6.34
C GLU A 44 -12.77 2.53 7.73
N GLN A 45 -13.17 1.48 8.44
CA GLN A 45 -12.65 1.19 9.78
C GLN A 45 -11.32 0.45 9.71
N ILE A 46 -10.99 -0.10 8.54
CA ILE A 46 -9.75 -0.86 8.37
C ILE A 46 -8.58 0.07 8.03
N SER A 47 -7.50 -0.02 8.81
CA SER A 47 -6.30 0.80 8.58
C SER A 47 -5.25 0.01 7.80
N LEU A 48 -5.02 0.39 6.55
CA LEU A 48 -4.04 -0.30 5.69
C LEU A 48 -3.13 0.70 5.01
N TRP A 49 -1.82 0.54 5.25
CA TRP A 49 -0.82 1.40 4.65
C TRP A 49 0.51 0.68 4.62
N ILE A 50 1.55 1.37 4.14
CA ILE A 50 2.90 0.80 4.06
C ILE A 50 3.94 1.85 4.45
N ASP A 51 5.06 1.39 4.99
CA ASP A 51 6.16 2.29 5.42
C ASP A 51 7.34 2.22 4.43
N ALA A 52 7.53 3.27 3.65
CA ALA A 52 8.64 3.34 2.68
C ALA A 52 9.91 3.83 3.36
N THR A 53 9.85 4.19 4.63
CA THR A 53 11.01 4.67 5.37
C THR A 53 12.05 3.57 5.48
N GLY A 54 13.30 3.94 5.72
CA GLY A 54 14.39 2.96 5.83
C GLY A 54 14.61 2.21 4.51
N LYS A 55 13.52 1.77 3.90
CA LYS A 55 13.57 1.03 2.63
C LYS A 55 14.37 1.83 1.60
N ALA A 56 15.07 1.10 0.74
CA ALA A 56 15.90 1.70 -0.31
C ALA A 56 15.29 1.37 -1.68
N VAL A 57 15.87 1.96 -2.72
CA VAL A 57 15.41 1.74 -4.07
C VAL A 57 15.56 0.26 -4.45
N GLY A 58 14.62 -0.23 -5.25
CA GLY A 58 14.62 -1.63 -5.71
C GLY A 58 13.33 -2.32 -5.26
N GLU A 59 13.17 -3.57 -5.68
CA GLU A 59 11.97 -4.36 -5.33
C GLU A 59 12.21 -5.26 -4.12
N HIS A 60 11.29 -5.17 -3.16
CA HIS A 60 11.36 -5.97 -1.94
C HIS A 60 9.95 -6.30 -1.44
N THR A 61 9.83 -7.44 -0.77
CA THR A 61 8.54 -7.88 -0.20
C THR A 61 8.41 -7.35 1.22
N VAL A 62 7.23 -6.90 1.61
CA VAL A 62 7.01 -6.35 2.96
C VAL A 62 5.63 -6.70 3.48
N LYS A 63 5.48 -6.71 4.80
CA LYS A 63 4.22 -7.05 5.46
C LYS A 63 3.41 -5.77 5.74
N ILE A 64 2.09 -5.92 5.71
CA ILE A 64 1.16 -4.78 5.95
C ILE A 64 0.77 -4.76 7.42
N TYR A 65 1.08 -3.69 8.14
CA TYR A 65 0.74 -3.58 9.57
C TYR A 65 -0.77 -3.37 9.74
N TRP A 66 -1.57 -4.35 9.31
CA TRP A 66 -3.03 -4.28 9.40
C TRP A 66 -3.47 -4.13 10.87
N GLN A 67 -4.56 -3.40 11.08
CA GLN A 67 -5.11 -3.20 12.44
C GLN A 67 -6.64 -3.28 12.40
N LEU A 68 -7.19 -4.07 13.31
CA LEU A 68 -8.66 -4.27 13.41
C LEU A 68 -9.15 -3.94 14.86
N PRO A 69 -10.06 -3.01 15.03
CA PRO A 69 -10.56 -2.66 16.42
C PRO A 69 -11.65 -3.63 16.93
N ALA A 70 -11.30 -4.91 17.05
CA ALA A 70 -12.25 -5.93 17.54
C ALA A 70 -11.53 -7.24 17.89
N GLY A 71 -12.22 -8.35 17.69
CA GLY A 71 -11.70 -9.71 17.98
C GLY A 71 -11.55 -10.51 16.70
N ILE A 72 -10.90 -9.91 15.71
CA ILE A 72 -10.68 -10.54 14.40
C ILE A 72 -9.21 -10.97 14.24
N GLU A 73 -9.04 -12.14 13.62
CA GLU A 73 -7.70 -12.72 13.39
C GLU A 73 -7.38 -12.70 11.90
N MET A 74 -6.09 -12.69 11.57
CA MET A 74 -5.64 -12.68 10.17
C MET A 74 -5.37 -14.10 9.70
N VAL A 75 -6.12 -14.58 8.71
CA VAL A 75 -5.92 -15.94 8.20
C VAL A 75 -4.50 -16.08 7.68
N SER A 76 -4.22 -15.47 6.53
CA SER A 76 -2.91 -15.56 5.91
C SER A 76 -2.87 -14.70 4.67
N ILE A 77 -1.67 -14.31 4.26
CA ILE A 77 -1.51 -13.53 3.01
C ILE A 77 -2.31 -12.21 3.07
N PRO A 78 -2.21 -11.32 2.13
CA PRO A 78 -1.28 -11.37 0.94
C PRO A 78 -0.06 -10.51 1.14
N ASP A 79 0.95 -10.79 0.33
CA ASP A 79 2.21 -10.06 0.32
C ASP A 79 2.21 -9.10 -0.84
N VAL A 80 3.02 -8.05 -0.72
CA VAL A 80 3.12 -7.01 -1.75
C VAL A 80 4.54 -6.93 -2.28
N THR A 81 4.65 -6.79 -3.60
CA THR A 81 5.95 -6.67 -4.28
C THR A 81 5.84 -5.65 -5.41
N TYR A 82 6.74 -4.68 -5.41
CA TYR A 82 6.75 -3.64 -6.45
C TYR A 82 8.17 -3.22 -6.77
N THR A 83 8.31 -2.20 -7.60
CA THR A 83 9.65 -1.69 -8.01
C THR A 83 9.77 -0.18 -7.75
N LEU A 84 10.62 0.20 -6.81
CA LEU A 84 10.83 1.62 -6.48
C LEU A 84 11.99 2.18 -7.32
N LYS A 85 11.79 3.38 -7.86
CA LYS A 85 12.82 4.04 -8.70
C LYS A 85 12.99 5.49 -8.27
N ALA A 86 14.11 6.07 -8.66
CA ALA A 86 14.45 7.46 -8.34
C ALA A 86 13.67 8.43 -9.21
N LYS A 87 13.40 9.62 -8.68
CA LYS A 87 12.67 10.65 -9.42
C LYS A 87 13.45 11.04 -10.69
N GLU A 88 12.74 11.10 -11.81
CA GLU A 88 13.36 11.47 -13.09
C GLU A 88 13.41 13.00 -13.22
N ASP A 89 14.19 13.63 -12.35
CA ASP A 89 14.33 15.10 -12.33
C ASP A 89 14.55 15.68 -13.78
N PRO A 90 13.60 16.38 -14.33
CA PRO A 90 13.76 16.95 -15.71
C PRO A 90 14.45 18.31 -15.70
N LEU A 91 14.36 19.00 -14.56
CA LEU A 91 14.96 20.32 -14.40
C LEU A 91 16.48 20.26 -14.46
N GLU A 92 17.03 19.09 -14.18
CA GLU A 92 18.48 18.87 -14.19
C GLU A 92 19.16 19.76 -13.12
N HIS A 93 20.13 19.20 -12.42
CA HIS A 93 20.85 19.95 -11.37
C HIS A 93 22.22 19.31 -11.07
N HIS A 94 22.22 18.03 -10.71
CA HIS A 94 23.45 17.29 -10.40
C HIS A 94 24.40 17.27 -11.59
N HIS A 95 25.67 16.99 -11.32
CA HIS A 95 26.70 16.92 -12.37
C HIS A 95 26.79 18.23 -13.15
N HIS A 96 27.84 18.99 -12.91
CA HIS A 96 28.05 20.27 -13.60
C HIS A 96 28.05 20.09 -15.12
N HIS A 97 27.04 20.62 -15.79
CA HIS A 97 26.91 20.52 -17.25
C HIS A 97 26.90 19.05 -17.70
N HIS A 98 26.50 18.83 -18.95
CA HIS A 98 26.44 17.47 -19.52
C HIS A 98 26.19 17.58 -21.03
N MET A 1 -12.97 -10.29 -12.17
CA MET A 1 -13.56 -9.66 -10.96
C MET A 1 -13.36 -8.14 -11.04
N LYS A 2 -14.08 -7.47 -11.93
CA LYS A 2 -13.96 -6.02 -12.09
C LYS A 2 -14.39 -5.31 -10.79
N THR A 3 -13.59 -4.31 -10.40
CA THR A 3 -13.86 -3.54 -9.17
C THR A 3 -13.12 -2.21 -9.25
N LEU A 4 -13.70 -1.18 -8.62
CA LEU A 4 -13.07 0.17 -8.64
C LEU A 4 -13.44 0.95 -7.37
N TYR A 5 -13.58 0.26 -6.24
CA TYR A 5 -13.93 0.88 -4.95
C TYR A 5 -13.42 0.02 -3.80
N ASP A 6 -12.29 -0.65 -3.99
CA ASP A 6 -11.71 -1.51 -2.96
C ASP A 6 -10.83 -0.68 -2.02
N LEU A 7 -10.82 0.63 -2.20
CA LEU A 7 -10.02 1.55 -1.38
C LEU A 7 -8.54 1.09 -1.33
N PRO A 8 -7.74 1.43 -2.31
CA PRO A 8 -6.29 1.02 -2.30
C PRO A 8 -5.60 1.35 -0.96
N ILE A 9 -4.39 0.80 -0.79
CA ILE A 9 -3.63 1.03 0.45
C ILE A 9 -2.98 2.41 0.39
N VAL A 10 -2.65 2.92 1.57
CA VAL A 10 -2.01 4.26 1.69
C VAL A 10 -0.51 4.09 1.93
N LEU A 11 0.30 4.91 1.27
CA LEU A 11 1.76 4.83 1.43
C LEU A 11 2.24 5.93 2.40
N ARG A 12 2.83 5.50 3.51
CA ARG A 12 3.35 6.43 4.54
C ARG A 12 4.87 6.49 4.48
N ASN A 13 5.43 7.61 4.91
CA ASN A 13 6.88 7.81 4.91
C ASN A 13 7.43 7.66 3.49
N LEU A 14 6.78 8.33 2.54
CA LEU A 14 7.23 8.25 1.11
C LEU A 14 8.54 9.08 0.87
N PRO A 15 9.67 8.46 0.70
CA PRO A 15 10.94 9.25 0.44
C PRO A 15 10.73 10.43 -0.55
N GLU A 16 11.39 11.55 -0.32
CA GLU A 16 11.25 12.74 -1.20
C GLU A 16 12.10 12.61 -2.47
N ASP A 17 13.22 11.90 -2.37
CA ASP A 17 14.13 11.73 -3.51
C ASP A 17 13.80 10.47 -4.32
N LEU A 18 12.87 9.66 -3.82
CA LEU A 18 12.48 8.40 -4.52
C LEU A 18 10.96 8.45 -4.79
N VAL A 19 10.53 7.76 -5.84
CA VAL A 19 9.08 7.73 -6.22
C VAL A 19 8.69 6.37 -6.79
N LEU A 20 7.39 6.11 -6.81
CA LEU A 20 6.83 4.84 -7.34
C LEU A 20 6.58 4.99 -8.85
N GLU A 21 7.20 4.14 -9.65
CA GLU A 21 7.04 4.16 -11.12
C GLU A 21 5.71 3.53 -11.53
N LYS A 22 5.08 2.82 -10.61
CA LYS A 22 3.78 2.15 -10.93
C LYS A 22 2.91 1.98 -9.65
N PRO A 23 1.65 2.34 -9.64
CA PRO A 23 0.84 2.17 -8.40
C PRO A 23 0.73 0.69 -7.95
N LEU A 24 0.49 0.51 -6.66
CA LEU A 24 0.37 -0.83 -6.04
C LEU A 24 -0.42 -1.85 -6.94
N PRO A 25 -0.14 -3.11 -6.86
CA PRO A 25 -0.84 -4.15 -7.71
C PRO A 25 -2.31 -4.34 -7.32
N GLU A 26 -2.61 -4.14 -6.04
CA GLU A 26 -3.98 -4.31 -5.51
C GLU A 26 -4.48 -5.76 -5.73
N VAL A 27 -5.00 -6.38 -4.67
CA VAL A 27 -5.51 -7.75 -4.75
C VAL A 27 -6.57 -7.99 -3.67
N SER A 28 -7.21 -9.15 -3.72
CA SER A 28 -8.26 -9.50 -2.76
C SER A 28 -7.63 -10.03 -1.46
N VAL A 29 -8.47 -10.19 -0.43
CA VAL A 29 -8.02 -10.68 0.90
C VAL A 29 -9.03 -11.66 1.46
N THR A 30 -8.60 -12.56 2.33
CA THR A 30 -9.52 -13.55 2.95
C THR A 30 -9.54 -13.35 4.46
N ILE A 31 -10.71 -13.06 5.02
CA ILE A 31 -10.87 -12.87 6.47
C ILE A 31 -11.87 -13.89 7.01
N ARG A 32 -11.71 -14.27 8.28
CA ARG A 32 -12.59 -15.26 8.94
C ARG A 32 -13.14 -14.66 10.24
N ALA A 33 -14.46 -14.49 10.28
CA ALA A 33 -15.10 -13.92 11.46
C ALA A 33 -16.63 -14.09 11.37
N TYR A 34 -17.33 -13.61 12.38
CA TYR A 34 -18.79 -13.70 12.45
C TYR A 34 -19.47 -12.74 11.44
N PRO A 35 -20.61 -13.07 10.87
CA PRO A 35 -21.29 -12.15 9.89
C PRO A 35 -21.86 -10.89 10.56
N GLU A 36 -22.21 -11.00 11.83
CA GLU A 36 -22.77 -9.85 12.60
C GLU A 36 -21.78 -8.66 12.63
N ILE A 37 -20.51 -8.94 12.88
CA ILE A 37 -19.48 -7.86 12.94
C ILE A 37 -18.96 -7.56 11.54
N LEU A 38 -18.88 -8.59 10.70
CA LEU A 38 -18.37 -8.39 9.31
C LEU A 38 -19.39 -7.56 8.50
N ASN A 39 -20.67 -7.77 8.79
CA ASN A 39 -21.75 -7.03 8.08
C ASN A 39 -21.89 -5.64 8.66
N ASN A 40 -21.22 -5.39 9.79
CA ASN A 40 -21.25 -4.09 10.46
C ASN A 40 -19.96 -3.32 10.21
N LEU A 41 -18.82 -4.02 10.19
CA LEU A 41 -17.51 -3.39 9.97
C LEU A 41 -17.49 -2.73 8.59
N THR A 42 -16.82 -1.59 8.49
CA THR A 42 -16.72 -0.84 7.23
C THR A 42 -15.25 -0.71 6.83
N LYS A 43 -15.00 -0.67 5.53
CA LYS A 43 -13.64 -0.56 5.00
C LYS A 43 -12.92 0.68 5.58
N GLU A 44 -13.64 1.78 5.75
CA GLU A 44 -13.06 3.02 6.28
C GLU A 44 -12.47 2.81 7.69
N GLN A 45 -12.92 1.77 8.39
CA GLN A 45 -12.42 1.48 9.74
C GLN A 45 -11.07 0.78 9.70
N ILE A 46 -10.87 -0.09 8.71
CA ILE A 46 -9.61 -0.84 8.57
C ILE A 46 -8.46 0.10 8.24
N SER A 47 -7.38 0.03 9.00
CA SER A 47 -6.19 0.86 8.78
C SER A 47 -5.10 0.04 8.09
N LEU A 48 -4.81 0.40 6.84
CA LEU A 48 -3.78 -0.30 6.03
C LEU A 48 -2.80 0.70 5.43
N TRP A 49 -1.51 0.49 5.68
CA TRP A 49 -0.46 1.34 5.14
C TRP A 49 0.88 0.61 5.17
N ILE A 50 1.93 1.28 4.73
CA ILE A 50 3.29 0.68 4.69
C ILE A 50 4.34 1.75 5.02
N ASP A 51 5.49 1.29 5.49
CA ASP A 51 6.61 2.17 5.87
C ASP A 51 7.75 2.06 4.84
N ALA A 52 7.92 3.10 4.04
CA ALA A 52 9.00 3.12 3.02
C ALA A 52 10.28 3.71 3.61
N THR A 53 10.25 4.06 4.90
CA THR A 53 11.43 4.62 5.57
C THR A 53 12.43 3.50 5.79
N GLY A 54 13.69 3.88 6.02
CA GLY A 54 14.77 2.88 6.22
C GLY A 54 15.00 2.03 4.94
N LYS A 55 13.93 1.79 4.18
CA LYS A 55 14.03 0.98 2.96
C LYS A 55 14.88 1.71 1.92
N ALA A 56 15.66 0.93 1.17
CA ALA A 56 16.54 1.47 0.11
C ALA A 56 15.94 1.17 -1.25
N VAL A 57 16.53 1.75 -2.28
CA VAL A 57 16.08 1.55 -3.66
C VAL A 57 16.14 0.07 -4.03
N GLY A 58 15.16 -0.39 -4.81
CA GLY A 58 15.09 -1.80 -5.25
C GLY A 58 13.77 -2.41 -4.84
N GLU A 59 13.52 -3.63 -5.30
CA GLU A 59 12.27 -4.35 -5.00
C GLU A 59 12.47 -5.38 -3.86
N HIS A 60 11.57 -5.31 -2.88
CA HIS A 60 11.61 -6.22 -1.74
C HIS A 60 10.18 -6.50 -1.24
N THR A 61 10.01 -7.65 -0.60
CA THR A 61 8.71 -8.05 -0.03
C THR A 61 8.56 -7.43 1.35
N VAL A 62 7.36 -6.95 1.69
CA VAL A 62 7.12 -6.31 3.00
C VAL A 62 5.72 -6.65 3.54
N LYS A 63 5.59 -6.64 4.87
CA LYS A 63 4.32 -6.95 5.54
C LYS A 63 3.55 -5.66 5.86
N ILE A 64 2.23 -5.75 5.81
CA ILE A 64 1.34 -4.60 6.08
C ILE A 64 1.03 -4.59 7.58
N TYR A 65 1.06 -3.42 8.22
CA TYR A 65 0.79 -3.31 9.65
C TYR A 65 -0.63 -3.83 9.97
N TRP A 66 -1.61 -3.39 9.21
CA TRP A 66 -3.01 -3.81 9.38
C TRP A 66 -3.50 -3.55 10.84
N GLN A 67 -4.57 -2.80 11.01
CA GLN A 67 -5.13 -2.51 12.35
C GLN A 67 -6.67 -2.50 12.30
N LEU A 68 -7.28 -3.29 13.19
CA LEU A 68 -8.76 -3.40 13.24
C LEU A 68 -9.21 -3.54 14.73
N PRO A 69 -10.05 -2.68 15.24
CA PRO A 69 -10.51 -2.80 16.68
C PRO A 69 -11.67 -3.80 16.84
N ALA A 70 -11.36 -5.10 16.81
CA ALA A 70 -12.40 -6.13 16.96
C ALA A 70 -11.76 -7.52 17.19
N GLY A 71 -12.52 -8.57 16.88
CA GLY A 71 -12.07 -9.96 17.05
C GLY A 71 -11.81 -10.60 15.69
N ILE A 72 -11.01 -9.91 14.88
CA ILE A 72 -10.66 -10.38 13.52
C ILE A 72 -9.29 -11.07 13.52
N GLU A 73 -9.21 -12.18 12.79
CA GLU A 73 -7.96 -12.97 12.67
C GLU A 73 -7.44 -12.94 11.21
N MET A 74 -6.17 -12.58 11.04
CA MET A 74 -5.56 -12.51 9.71
C MET A 74 -5.39 -13.93 9.15
N VAL A 75 -6.20 -14.31 8.17
CA VAL A 75 -6.10 -15.66 7.58
C VAL A 75 -4.73 -15.86 6.98
N SER A 76 -4.46 -15.26 5.82
CA SER A 76 -3.19 -15.39 5.14
C SER A 76 -3.11 -14.44 3.98
N ILE A 77 -1.89 -14.04 3.61
CA ILE A 77 -1.70 -13.17 2.42
C ILE A 77 -2.45 -11.81 2.61
N PRO A 78 -2.29 -10.83 1.77
CA PRO A 78 -1.34 -10.79 0.61
C PRO A 78 -0.05 -10.05 0.93
N ASP A 79 1.01 -10.41 0.23
CA ASP A 79 2.31 -9.78 0.41
C ASP A 79 2.41 -8.61 -0.57
N VAL A 80 3.28 -7.66 -0.26
CA VAL A 80 3.44 -6.47 -1.13
C VAL A 80 4.84 -6.46 -1.73
N THR A 81 4.90 -6.34 -3.05
CA THR A 81 6.17 -6.30 -3.80
C THR A 81 6.08 -5.25 -4.92
N TYR A 82 7.01 -4.30 -4.89
CA TYR A 82 7.03 -3.21 -5.89
C TYR A 82 8.46 -2.87 -6.24
N THR A 83 8.63 -1.84 -7.07
CA THR A 83 9.98 -1.38 -7.52
C THR A 83 10.17 0.10 -7.24
N LEU A 84 11.11 0.42 -6.35
CA LEU A 84 11.41 1.82 -5.99
C LEU A 84 12.54 2.34 -6.87
N LYS A 85 12.40 3.56 -7.38
CA LYS A 85 13.42 4.19 -8.24
C LYS A 85 13.54 5.67 -7.92
N ALA A 86 14.64 6.26 -8.38
CA ALA A 86 14.94 7.68 -8.16
C ALA A 86 13.96 8.57 -8.91
N LYS A 87 13.68 9.74 -8.36
CA LYS A 87 12.77 10.70 -8.96
C LYS A 87 13.29 11.17 -10.33
N GLU A 88 12.46 11.06 -11.35
CA GLU A 88 12.84 11.48 -12.71
C GLU A 88 11.58 11.59 -13.59
N ASP A 89 10.75 12.59 -13.29
CA ASP A 89 9.50 12.81 -14.03
C ASP A 89 9.73 13.67 -15.30
N PRO A 90 9.06 13.40 -16.39
CA PRO A 90 9.24 14.21 -17.65
C PRO A 90 8.41 15.49 -17.61
N LEU A 91 7.39 15.50 -16.76
CA LEU A 91 6.48 16.64 -16.62
C LEU A 91 7.23 17.88 -16.09
N GLU A 92 8.21 17.65 -15.22
CA GLU A 92 9.01 18.76 -14.63
C GLU A 92 10.45 18.31 -14.40
N HIS A 93 11.38 18.91 -15.15
CA HIS A 93 12.80 18.59 -15.04
C HIS A 93 13.38 19.14 -13.73
N HIS A 94 14.63 18.79 -13.45
CA HIS A 94 15.32 19.24 -12.24
C HIS A 94 15.56 20.73 -12.26
N HIS A 95 15.80 21.32 -11.10
CA HIS A 95 16.03 22.76 -10.98
C HIS A 95 17.39 23.15 -11.59
N HIS A 96 18.47 22.59 -11.03
CA HIS A 96 19.84 22.88 -11.51
C HIS A 96 20.08 24.40 -11.61
N HIS A 97 20.70 24.96 -10.58
CA HIS A 97 21.00 26.40 -10.54
C HIS A 97 21.89 26.80 -11.73
N HIS A 98 21.25 27.26 -12.80
CA HIS A 98 21.97 27.67 -14.01
C HIS A 98 22.84 28.90 -13.72
N MET A 1 -16.31 -2.81 -9.58
CA MET A 1 -16.91 -1.65 -8.87
C MET A 1 -17.14 -2.02 -7.41
N LYS A 2 -17.36 -3.31 -7.15
CA LYS A 2 -17.59 -3.79 -5.79
C LYS A 2 -16.34 -3.57 -4.93
N THR A 3 -15.18 -3.90 -5.48
CA THR A 3 -13.89 -3.73 -4.77
C THR A 3 -13.36 -2.32 -5.02
N LEU A 4 -12.64 -1.79 -4.03
CA LEU A 4 -12.07 -0.44 -4.12
C LEU A 4 -11.03 -0.36 -5.24
N TYR A 5 -10.52 0.84 -5.47
CA TYR A 5 -9.50 1.07 -6.52
C TYR A 5 -8.94 2.50 -6.41
N ASP A 6 -9.78 3.45 -6.03
CA ASP A 6 -9.38 4.87 -5.89
C ASP A 6 -8.88 5.15 -4.47
N LEU A 7 -8.81 4.11 -3.64
CA LEU A 7 -8.34 4.26 -2.24
C LEU A 7 -8.01 2.88 -1.63
N PRO A 8 -7.14 2.12 -2.23
CA PRO A 8 -6.75 0.76 -1.68
C PRO A 8 -5.85 0.88 -0.44
N ILE A 9 -4.53 0.88 -0.68
CA ILE A 9 -3.54 0.97 0.40
C ILE A 9 -2.91 2.37 0.43
N VAL A 10 -2.65 2.87 1.63
CA VAL A 10 -2.04 4.20 1.81
C VAL A 10 -0.53 4.06 2.02
N LEU A 11 0.25 4.90 1.34
CA LEU A 11 1.72 4.86 1.45
C LEU A 11 2.20 5.90 2.49
N ARG A 12 2.71 5.41 3.61
CA ARG A 12 3.22 6.27 4.70
C ARG A 12 4.75 6.38 4.65
N ASN A 13 5.28 7.51 5.11
CA ASN A 13 6.73 7.74 5.13
C ASN A 13 7.30 7.59 3.72
N LEU A 14 6.64 8.20 2.73
CA LEU A 14 7.09 8.12 1.33
C LEU A 14 8.37 8.95 1.10
N PRO A 15 9.50 8.34 0.83
CA PRO A 15 10.76 9.16 0.56
C PRO A 15 10.51 10.29 -0.46
N GLU A 16 11.11 11.45 -0.22
CA GLU A 16 10.95 12.63 -1.10
C GLU A 16 11.81 12.53 -2.35
N ASP A 17 12.95 11.85 -2.26
CA ASP A 17 13.89 11.71 -3.39
C ASP A 17 13.58 10.48 -4.23
N LEU A 18 12.64 9.65 -3.77
CA LEU A 18 12.26 8.40 -4.50
C LEU A 18 10.77 8.45 -4.81
N VAL A 19 10.36 7.79 -5.90
CA VAL A 19 8.93 7.75 -6.31
C VAL A 19 8.55 6.40 -6.91
N LEU A 20 7.26 6.13 -6.94
CA LEU A 20 6.71 4.87 -7.47
C LEU A 20 6.53 5.02 -9.00
N GLU A 21 7.06 4.06 -9.76
CA GLU A 21 6.95 4.06 -11.20
C GLU A 21 5.50 3.84 -11.65
N LYS A 22 4.75 3.07 -10.88
CA LYS A 22 3.32 2.79 -11.24
C LYS A 22 2.44 2.64 -9.97
N PRO A 23 1.17 2.94 -10.03
CA PRO A 23 0.27 2.80 -8.83
C PRO A 23 0.30 1.40 -8.21
N LEU A 24 0.02 1.36 -6.91
CA LEU A 24 -0.02 0.10 -6.12
C LEU A 24 -0.64 -1.09 -6.93
N PRO A 25 -0.29 -2.31 -6.63
CA PRO A 25 -0.83 -3.49 -7.41
C PRO A 25 -2.27 -3.81 -7.03
N GLU A 26 -2.59 -3.64 -5.75
CA GLU A 26 -3.94 -3.91 -5.23
C GLU A 26 -4.27 -5.40 -5.37
N VAL A 27 -4.75 -6.00 -4.28
CA VAL A 27 -5.10 -7.43 -4.27
C VAL A 27 -6.19 -7.69 -3.23
N SER A 28 -6.71 -8.92 -3.22
CA SER A 28 -7.76 -9.33 -2.27
C SER A 28 -7.17 -9.87 -0.97
N VAL A 29 -8.02 -10.06 0.03
CA VAL A 29 -7.59 -10.58 1.36
C VAL A 29 -8.62 -11.57 1.89
N THR A 30 -8.21 -12.48 2.77
CA THR A 30 -9.17 -13.46 3.36
C THR A 30 -9.23 -13.28 4.88
N ILE A 31 -10.43 -13.05 5.42
CA ILE A 31 -10.66 -12.86 6.87
C ILE A 31 -11.67 -13.89 7.37
N ARG A 32 -11.61 -14.17 8.67
CA ARG A 32 -12.51 -15.16 9.33
C ARG A 32 -13.13 -14.51 10.59
N ALA A 33 -14.45 -14.35 10.57
CA ALA A 33 -15.17 -13.76 11.69
C ALA A 33 -16.68 -13.96 11.54
N TYR A 34 -17.43 -13.46 12.51
CA TYR A 34 -18.90 -13.60 12.51
C TYR A 34 -19.53 -12.69 11.41
N PRO A 35 -20.63 -13.07 10.81
CA PRO A 35 -21.29 -12.23 9.75
C PRO A 35 -21.92 -10.95 10.33
N GLU A 36 -22.28 -11.00 11.61
CA GLU A 36 -22.93 -9.86 12.29
C GLU A 36 -21.98 -8.65 12.34
N ILE A 37 -20.69 -8.90 12.59
CA ILE A 37 -19.70 -7.81 12.65
C ILE A 37 -19.15 -7.50 11.25
N LEU A 38 -19.04 -8.53 10.43
CA LEU A 38 -18.53 -8.33 9.04
C LEU A 38 -19.54 -7.52 8.22
N ASN A 39 -20.82 -7.74 8.49
CA ASN A 39 -21.90 -7.04 7.78
C ASN A 39 -22.08 -5.64 8.35
N ASN A 40 -21.44 -5.39 9.49
CA ASN A 40 -21.52 -4.08 10.18
C ASN A 40 -20.24 -3.29 9.99
N LEU A 41 -19.10 -3.97 9.97
CA LEU A 41 -17.79 -3.32 9.82
C LEU A 41 -17.67 -2.74 8.41
N THR A 42 -17.03 -1.59 8.31
CA THR A 42 -16.82 -0.89 7.03
C THR A 42 -15.32 -0.84 6.73
N LYS A 43 -15.00 -0.53 5.47
CA LYS A 43 -13.61 -0.44 5.03
C LYS A 43 -12.90 0.75 5.65
N GLU A 44 -13.62 1.85 5.86
CA GLU A 44 -13.06 3.08 6.43
C GLU A 44 -12.52 2.85 7.85
N GLN A 45 -12.98 1.78 8.49
CA GLN A 45 -12.54 1.44 9.86
C GLN A 45 -11.22 0.66 9.82
N ILE A 46 -11.03 -0.17 8.81
CA ILE A 46 -9.82 -0.98 8.70
C ILE A 46 -8.60 -0.10 8.38
N SER A 47 -7.53 -0.25 9.15
CA SER A 47 -6.31 0.53 8.95
C SER A 47 -5.31 -0.26 8.11
N LEU A 48 -5.11 0.17 6.87
CA LEU A 48 -4.17 -0.51 5.93
C LEU A 48 -3.18 0.49 5.32
N TRP A 49 -1.90 0.27 5.58
CA TRP A 49 -0.85 1.13 5.05
C TRP A 49 0.49 0.37 5.05
N ILE A 50 1.57 1.04 4.66
CA ILE A 50 2.92 0.44 4.61
C ILE A 50 3.97 1.47 5.02
N ASP A 51 5.14 0.97 5.36
CA ASP A 51 6.28 1.82 5.79
C ASP A 51 7.43 1.74 4.76
N ALA A 52 7.61 2.80 3.97
CA ALA A 52 8.68 2.84 2.97
C ALA A 52 9.97 3.37 3.60
N THR A 53 9.93 3.68 4.89
CA THR A 53 11.12 4.16 5.60
C THR A 53 12.10 3.02 5.75
N GLY A 54 13.35 3.35 6.05
CA GLY A 54 14.41 2.36 6.20
C GLY A 54 14.73 1.68 4.85
N LYS A 55 13.69 1.33 4.10
CA LYS A 55 13.85 0.67 2.80
C LYS A 55 14.70 1.53 1.87
N ALA A 56 15.33 0.89 0.88
CA ALA A 56 16.19 1.55 -0.10
C ALA A 56 15.67 1.29 -1.51
N VAL A 57 16.31 1.92 -2.49
CA VAL A 57 15.94 1.78 -3.89
C VAL A 57 16.09 0.32 -4.33
N GLY A 58 15.16 -0.12 -5.17
CA GLY A 58 15.15 -1.49 -5.71
C GLY A 58 13.85 -2.19 -5.34
N GLU A 59 13.73 -3.44 -5.76
CA GLU A 59 12.52 -4.24 -5.48
C GLU A 59 12.71 -5.17 -4.27
N HIS A 60 11.77 -5.09 -3.34
CA HIS A 60 11.80 -5.91 -2.13
C HIS A 60 10.39 -6.29 -1.71
N THR A 61 10.26 -7.43 -1.05
CA THR A 61 8.96 -7.94 -0.55
C THR A 61 8.94 -7.88 0.98
N VAL A 62 7.85 -7.36 1.55
CA VAL A 62 7.73 -7.22 3.02
C VAL A 62 6.30 -7.48 3.48
N LYS A 63 6.10 -7.42 4.80
CA LYS A 63 4.79 -7.64 5.41
C LYS A 63 4.03 -6.31 5.55
N ILE A 64 2.70 -6.42 5.46
CA ILE A 64 1.80 -5.24 5.57
C ILE A 64 1.15 -5.25 6.95
N TYR A 65 1.25 -4.15 7.69
CA TYR A 65 0.64 -4.05 9.02
C TYR A 65 -0.87 -4.18 8.91
N TRP A 66 -1.50 -4.63 10.00
CA TRP A 66 -2.96 -4.80 10.02
C TRP A 66 -3.50 -4.57 11.44
N GLN A 67 -4.62 -3.85 11.54
CA GLN A 67 -5.25 -3.56 12.86
C GLN A 67 -6.77 -3.64 12.75
N LEU A 68 -7.37 -4.46 13.60
CA LEU A 68 -8.83 -4.68 13.61
C LEU A 68 -9.46 -4.20 14.95
N PRO A 69 -10.36 -3.25 14.95
CA PRO A 69 -10.96 -2.75 16.24
C PRO A 69 -12.05 -3.69 16.80
N ALA A 70 -11.78 -4.98 16.79
CA ALA A 70 -12.73 -5.98 17.29
C ALA A 70 -12.05 -7.32 17.61
N GLY A 71 -12.75 -8.43 17.35
CA GLY A 71 -12.24 -9.79 17.60
C GLY A 71 -12.02 -10.54 16.29
N ILE A 72 -11.31 -9.90 15.37
CA ILE A 72 -11.02 -10.47 14.05
C ILE A 72 -9.57 -10.97 13.98
N GLU A 73 -9.40 -12.12 13.33
CA GLU A 73 -8.07 -12.74 13.15
C GLU A 73 -7.60 -12.56 11.71
N MET A 74 -6.29 -12.67 11.50
CA MET A 74 -5.69 -12.53 10.15
C MET A 74 -5.35 -13.91 9.58
N VAL A 75 -6.05 -14.30 8.52
CA VAL A 75 -5.82 -15.61 7.89
C VAL A 75 -4.39 -15.69 7.41
N SER A 76 -4.09 -15.13 6.24
CA SER A 76 -2.76 -15.17 5.67
C SER A 76 -2.72 -14.29 4.43
N ILE A 77 -1.52 -13.87 4.04
CA ILE A 77 -1.34 -13.09 2.80
C ILE A 77 -2.13 -11.75 2.88
N PRO A 78 -1.96 -10.83 1.97
CA PRO A 78 -1.00 -10.86 0.82
C PRO A 78 0.27 -10.05 1.11
N ASP A 79 1.32 -10.38 0.38
CA ASP A 79 2.62 -9.71 0.49
C ASP A 79 2.69 -8.62 -0.56
N VAL A 80 3.52 -7.61 -0.32
CA VAL A 80 3.67 -6.48 -1.25
C VAL A 80 5.04 -6.52 -1.92
N THR A 81 5.05 -6.44 -3.25
CA THR A 81 6.31 -6.45 -4.03
C THR A 81 6.21 -5.43 -5.18
N TYR A 82 7.10 -4.44 -5.19
CA TYR A 82 7.09 -3.42 -6.24
C TYR A 82 8.52 -2.98 -6.54
N THR A 83 8.64 -1.96 -7.38
CA THR A 83 9.98 -1.42 -7.78
C THR A 83 10.08 0.07 -7.44
N LEU A 84 11.10 0.42 -6.67
CA LEU A 84 11.34 1.83 -6.26
C LEU A 84 12.49 2.40 -7.07
N LYS A 85 12.30 3.62 -7.59
CA LYS A 85 13.32 4.30 -8.40
C LYS A 85 13.50 5.75 -7.92
N ALA A 86 14.61 6.34 -8.34
CA ALA A 86 14.96 7.72 -7.97
C ALA A 86 14.09 8.72 -8.72
N LYS A 87 13.86 9.87 -8.10
CA LYS A 87 13.05 10.92 -8.70
C LYS A 87 13.66 11.36 -10.04
N GLU A 88 12.86 11.29 -11.09
CA GLU A 88 13.32 11.68 -12.44
C GLU A 88 12.12 11.81 -13.37
N ASP A 89 11.39 12.91 -13.23
CA ASP A 89 10.19 13.18 -14.04
C ASP A 89 10.53 14.02 -15.31
N PRO A 90 10.00 13.70 -16.45
CA PRO A 90 10.28 14.48 -17.71
C PRO A 90 9.37 15.70 -17.82
N LEU A 91 8.25 15.65 -17.11
CA LEU A 91 7.26 16.74 -17.11
C LEU A 91 7.85 18.04 -16.56
N GLU A 92 8.66 17.93 -15.51
CA GLU A 92 9.29 19.10 -14.89
C GLU A 92 10.58 18.69 -14.18
N HIS A 93 11.53 19.61 -14.11
CA HIS A 93 12.84 19.36 -13.46
C HIS A 93 13.47 20.67 -12.99
N HIS A 94 14.47 20.56 -12.12
CA HIS A 94 15.19 21.72 -11.57
C HIS A 94 16.67 21.37 -11.36
N HIS A 95 17.54 21.93 -12.20
CA HIS A 95 18.99 21.70 -12.11
C HIS A 95 19.32 20.20 -12.16
N HIS A 96 19.16 19.60 -13.34
CA HIS A 96 19.46 18.17 -13.53
C HIS A 96 19.84 17.89 -14.98
N HIS A 97 20.72 16.91 -15.17
CA HIS A 97 21.19 16.51 -16.49
C HIS A 97 21.77 17.71 -17.24
N HIS A 98 22.09 18.76 -16.50
CA HIS A 98 22.65 20.00 -17.07
C HIS A 98 23.47 20.73 -16.00
N MET A 1 -15.29 -0.23 -15.66
CA MET A 1 -13.94 -0.12 -16.28
C MET A 1 -13.38 1.27 -16.02
N LYS A 2 -13.77 1.87 -14.90
CA LYS A 2 -13.29 3.21 -14.53
C LYS A 2 -11.77 3.19 -14.31
N THR A 3 -11.28 2.15 -13.64
CA THR A 3 -9.85 2.02 -13.35
C THR A 3 -9.27 3.31 -12.73
N LEU A 4 -10.15 4.17 -12.23
CA LEU A 4 -9.74 5.43 -11.60
C LEU A 4 -8.99 5.17 -10.30
N TYR A 5 -8.19 6.15 -9.89
CA TYR A 5 -7.42 6.08 -8.66
C TYR A 5 -8.36 5.93 -7.47
N ASP A 6 -8.64 4.68 -7.09
CA ASP A 6 -9.53 4.40 -5.95
C ASP A 6 -8.81 4.62 -4.64
N LEU A 7 -7.52 4.95 -4.72
CA LEU A 7 -6.71 5.18 -3.52
C LEU A 7 -6.77 3.96 -2.57
N PRO A 8 -6.45 2.78 -3.04
CA PRO A 8 -6.49 1.55 -2.19
C PRO A 8 -5.41 1.60 -1.10
N ILE A 9 -4.21 1.17 -1.45
CA ILE A 9 -3.09 1.15 -0.52
C ILE A 9 -2.45 2.53 -0.42
N VAL A 10 -2.15 2.95 0.80
CA VAL A 10 -1.52 4.25 1.06
C VAL A 10 -0.04 4.05 1.37
N LEU A 11 0.80 4.91 0.80
CA LEU A 11 2.26 4.83 1.04
C LEU A 11 2.66 5.85 2.10
N ARG A 12 3.18 5.36 3.22
CA ARG A 12 3.66 6.22 4.32
C ARG A 12 5.19 6.24 4.34
N ASN A 13 5.73 7.33 4.88
CA ASN A 13 7.18 7.49 4.99
C ASN A 13 7.82 7.42 3.61
N LEU A 14 7.24 8.11 2.66
CA LEU A 14 7.78 8.13 1.27
C LEU A 14 8.72 9.35 1.02
N PRO A 15 10.01 9.23 1.15
CA PRO A 15 10.92 10.39 0.86
C PRO A 15 10.71 10.93 -0.57
N GLU A 16 10.45 12.22 -0.71
CA GLU A 16 10.23 12.85 -2.02
C GLU A 16 11.31 12.43 -3.03
N ASP A 17 12.58 12.53 -2.61
CA ASP A 17 13.72 12.18 -3.49
C ASP A 17 13.48 10.87 -4.24
N LEU A 18 12.57 10.05 -3.72
CA LEU A 18 12.23 8.77 -4.33
C LEU A 18 10.78 8.81 -4.81
N VAL A 19 10.51 8.11 -5.91
CA VAL A 19 9.15 8.07 -6.48
C VAL A 19 8.82 6.68 -7.02
N LEU A 20 7.54 6.37 -7.02
CA LEU A 20 7.04 5.08 -7.50
C LEU A 20 6.74 5.16 -9.00
N GLU A 21 7.33 4.26 -9.79
CA GLU A 21 7.12 4.22 -11.23
C GLU A 21 5.67 3.91 -11.56
N LYS A 22 5.00 3.13 -10.70
CA LYS A 22 3.59 2.76 -10.95
C LYS A 22 2.85 2.45 -9.62
N PRO A 23 1.70 3.01 -9.37
CA PRO A 23 0.94 2.74 -8.09
C PRO A 23 0.76 1.24 -7.82
N LEU A 24 0.50 0.92 -6.56
CA LEU A 24 0.31 -0.48 -6.14
C LEU A 24 -1.05 -1.07 -6.61
N PRO A 25 -1.09 -2.29 -7.06
CA PRO A 25 -2.38 -2.93 -7.52
C PRO A 25 -3.25 -3.38 -6.34
N GLU A 26 -4.50 -3.71 -6.63
CA GLU A 26 -5.45 -4.17 -5.61
C GLU A 26 -5.36 -5.68 -5.45
N VAL A 27 -5.68 -6.15 -4.24
CA VAL A 27 -5.65 -7.58 -3.93
C VAL A 27 -6.69 -7.93 -2.86
N SER A 28 -7.24 -9.13 -2.94
CA SER A 28 -8.27 -9.59 -1.98
C SER A 28 -7.60 -10.26 -0.78
N VAL A 29 -8.36 -10.37 0.31
CA VAL A 29 -7.86 -10.98 1.57
C VAL A 29 -8.88 -11.98 2.10
N THR A 30 -8.47 -12.91 2.96
CA THR A 30 -9.41 -13.89 3.54
C THR A 30 -9.45 -13.74 5.07
N ILE A 31 -10.64 -13.48 5.61
CA ILE A 31 -10.83 -13.33 7.06
C ILE A 31 -11.88 -14.33 7.55
N ARG A 32 -11.82 -14.63 8.84
CA ARG A 32 -12.74 -15.56 9.50
C ARG A 32 -13.32 -14.91 10.76
N ALA A 33 -14.63 -14.63 10.71
CA ALA A 33 -15.32 -14.02 11.85
C ALA A 33 -16.82 -14.10 11.65
N TYR A 34 -17.56 -13.62 12.64
CA TYR A 34 -19.03 -13.65 12.59
C TYR A 34 -19.58 -12.66 11.54
N PRO A 35 -20.70 -12.92 10.92
CA PRO A 35 -21.26 -11.96 9.91
C PRO A 35 -21.82 -10.67 10.56
N GLU A 36 -22.16 -10.74 11.84
CA GLU A 36 -22.74 -9.58 12.55
C GLU A 36 -21.75 -8.41 12.57
N ILE A 37 -20.47 -8.71 12.78
CA ILE A 37 -19.41 -7.67 12.83
C ILE A 37 -18.94 -7.37 11.40
N LEU A 38 -18.80 -8.40 10.58
CA LEU A 38 -18.35 -8.22 9.18
C LEU A 38 -19.38 -7.38 8.42
N ASN A 39 -20.66 -7.62 8.69
CA ASN A 39 -21.74 -6.89 8.04
C ASN A 39 -21.82 -5.46 8.59
N ASN A 40 -21.11 -5.23 9.70
CA ASN A 40 -21.09 -3.90 10.34
C ASN A 40 -19.77 -3.20 10.06
N LEU A 41 -18.72 -3.97 9.81
CA LEU A 41 -17.39 -3.42 9.55
C LEU A 41 -17.40 -2.67 8.23
N THR A 42 -16.71 -1.53 8.19
CA THR A 42 -16.60 -0.71 6.97
C THR A 42 -15.14 -0.55 6.58
N LYS A 43 -14.91 -0.49 5.27
CA LYS A 43 -13.54 -0.36 4.74
C LYS A 43 -12.79 0.84 5.36
N GLU A 44 -13.51 1.94 5.60
CA GLU A 44 -12.92 3.16 6.16
C GLU A 44 -12.29 2.87 7.53
N GLN A 45 -12.71 1.79 8.18
CA GLN A 45 -12.18 1.41 9.48
C GLN A 45 -10.87 0.64 9.34
N ILE A 46 -10.74 -0.14 8.28
CA ILE A 46 -9.54 -0.95 8.06
C ILE A 46 -8.34 -0.05 7.71
N SER A 47 -7.24 -0.23 8.44
CA SER A 47 -6.01 0.55 8.22
C SER A 47 -5.04 -0.26 7.38
N LEU A 48 -4.72 0.23 6.19
CA LEU A 48 -3.79 -0.47 5.28
C LEU A 48 -2.76 0.49 4.72
N TRP A 49 -1.49 0.19 4.95
CA TRP A 49 -0.39 1.00 4.46
C TRP A 49 0.89 0.19 4.52
N ILE A 50 2.00 0.85 4.21
CA ILE A 50 3.34 0.21 4.23
C ILE A 50 4.39 1.21 4.72
N ASP A 51 5.44 0.68 5.34
CA ASP A 51 6.55 1.52 5.86
C ASP A 51 7.75 1.48 4.90
N ALA A 52 8.01 2.60 4.24
CA ALA A 52 9.15 2.70 3.29
C ALA A 52 10.38 3.29 3.98
N THR A 53 10.25 3.64 5.26
CA THR A 53 11.37 4.20 6.03
C THR A 53 12.45 3.14 6.18
N GLY A 54 13.69 3.58 6.37
CA GLY A 54 14.83 2.67 6.53
C GLY A 54 15.14 1.96 5.21
N LYS A 55 14.10 1.57 4.48
CA LYS A 55 14.25 0.87 3.20
C LYS A 55 14.98 1.79 2.22
N ALA A 56 15.65 1.14 1.26
CA ALA A 56 16.41 1.83 0.21
C ALA A 56 15.80 1.56 -1.14
N VAL A 57 16.37 2.18 -2.17
CA VAL A 57 15.89 2.02 -3.54
C VAL A 57 15.97 0.55 -3.96
N GLY A 58 15.02 0.12 -4.77
CA GLY A 58 14.94 -1.25 -5.27
C GLY A 58 13.62 -1.87 -4.88
N GLU A 59 13.36 -3.06 -5.43
CA GLU A 59 12.11 -3.77 -5.15
C GLU A 59 12.22 -4.66 -3.90
N HIS A 60 11.22 -4.56 -3.03
CA HIS A 60 11.17 -5.33 -1.81
C HIS A 60 9.74 -5.81 -1.55
N THR A 61 9.64 -6.98 -0.93
CA THR A 61 8.32 -7.59 -0.59
C THR A 61 8.17 -7.62 0.93
N VAL A 62 7.03 -7.14 1.43
CA VAL A 62 6.80 -7.10 2.88
C VAL A 62 5.30 -7.21 3.19
N LYS A 63 5.01 -7.86 4.30
CA LYS A 63 3.64 -8.08 4.73
C LYS A 63 2.98 -6.75 5.09
N ILE A 64 1.66 -6.71 5.00
CA ILE A 64 0.87 -5.49 5.29
C ILE A 64 0.41 -5.54 6.74
N TYR A 65 0.88 -4.61 7.58
CA TYR A 65 0.50 -4.57 9.00
C TYR A 65 -0.80 -3.79 9.17
N TRP A 66 -1.92 -4.49 9.11
CA TRP A 66 -3.25 -3.87 9.24
C TRP A 66 -3.69 -3.85 10.70
N GLN A 67 -4.74 -3.09 10.97
CA GLN A 67 -5.28 -2.98 12.35
C GLN A 67 -6.81 -2.97 12.31
N LEU A 68 -7.42 -3.81 13.15
CA LEU A 68 -8.89 -3.91 13.24
C LEU A 68 -9.36 -3.81 14.73
N PRO A 69 -10.20 -2.87 15.09
CA PRO A 69 -10.69 -2.74 16.52
C PRO A 69 -11.83 -3.73 16.86
N ALA A 70 -11.49 -5.01 16.97
CA ALA A 70 -12.48 -6.05 17.29
C ALA A 70 -11.81 -7.37 17.65
N GLY A 71 -12.53 -8.47 17.45
CA GLY A 71 -12.04 -9.84 17.74
C GLY A 71 -11.87 -10.62 16.45
N ILE A 72 -11.21 -10.02 15.47
CA ILE A 72 -10.97 -10.63 14.16
C ILE A 72 -9.60 -11.31 14.15
N GLU A 73 -9.51 -12.39 13.38
CA GLU A 73 -8.26 -13.16 13.22
C GLU A 73 -7.68 -12.92 11.83
N MET A 74 -6.40 -13.26 11.69
CA MET A 74 -5.67 -13.09 10.42
C MET A 74 -5.38 -14.46 9.80
N VAL A 75 -6.09 -14.78 8.72
CA VAL A 75 -5.90 -16.07 8.04
C VAL A 75 -4.47 -16.16 7.54
N SER A 76 -4.19 -15.55 6.39
CA SER A 76 -2.86 -15.58 5.81
C SER A 76 -2.84 -14.73 4.56
N ILE A 77 -1.65 -14.31 4.15
CA ILE A 77 -1.49 -13.53 2.91
C ILE A 77 -2.31 -12.21 2.98
N PRO A 78 -2.20 -11.31 2.04
CA PRO A 78 -1.27 -11.37 0.86
C PRO A 78 -0.06 -10.50 1.04
N ASP A 79 0.84 -10.59 0.08
CA ASP A 79 2.09 -9.85 0.06
C ASP A 79 2.06 -8.89 -1.10
N VAL A 80 2.86 -7.85 -1.01
CA VAL A 80 2.92 -6.82 -2.06
C VAL A 80 4.37 -6.54 -2.44
N THR A 81 4.62 -6.54 -3.74
CA THR A 81 5.95 -6.28 -4.30
C THR A 81 5.86 -5.12 -5.30
N TYR A 82 6.80 -4.19 -5.19
CA TYR A 82 6.85 -3.04 -6.09
C TYR A 82 8.29 -2.62 -6.36
N THR A 83 8.46 -1.55 -7.11
CA THR A 83 9.82 -1.03 -7.46
C THR A 83 9.95 0.46 -7.11
N LEU A 84 11.03 0.80 -6.43
CA LEU A 84 11.29 2.20 -6.03
C LEU A 84 12.46 2.76 -6.85
N LYS A 85 12.33 4.02 -7.28
CA LYS A 85 13.39 4.70 -8.08
C LYS A 85 13.55 6.15 -7.61
N ALA A 86 14.68 6.74 -8.00
CA ALA A 86 15.01 8.13 -7.66
C ALA A 86 14.22 9.10 -8.53
N LYS A 87 13.97 10.29 -7.99
CA LYS A 87 13.23 11.31 -8.71
C LYS A 87 13.89 11.61 -10.06
N GLU A 88 13.08 11.61 -11.11
CA GLU A 88 13.56 11.88 -12.47
C GLU A 88 12.38 12.17 -13.39
N ASP A 89 11.25 12.58 -12.82
CA ASP A 89 10.04 12.85 -13.59
C ASP A 89 10.31 13.85 -14.77
N PRO A 90 10.19 13.43 -16.00
CA PRO A 90 10.43 14.35 -17.17
C PRO A 90 9.20 15.20 -17.50
N LEU A 91 8.03 14.70 -17.12
CA LEU A 91 6.77 15.40 -17.40
C LEU A 91 6.70 16.75 -16.69
N GLU A 92 7.15 16.78 -15.43
CA GLU A 92 7.13 18.03 -14.64
C GLU A 92 8.46 18.76 -14.78
N HIS A 93 9.48 18.35 -14.03
CA HIS A 93 10.80 18.97 -14.08
C HIS A 93 11.59 18.48 -15.30
N HIS A 94 12.59 19.26 -15.69
CA HIS A 94 13.43 18.94 -16.85
C HIS A 94 14.24 17.66 -16.59
N HIS A 95 14.33 16.80 -17.60
CA HIS A 95 15.07 15.54 -17.50
C HIS A 95 16.53 15.79 -17.08
N HIS A 96 17.29 16.48 -17.94
CA HIS A 96 18.70 16.77 -17.66
C HIS A 96 19.15 18.04 -18.39
N HIS A 97 20.13 18.73 -17.81
CA HIS A 97 20.66 19.97 -18.39
C HIS A 97 21.41 19.67 -19.70
N HIS A 98 21.09 20.43 -20.74
CA HIS A 98 21.74 20.25 -22.04
C HIS A 98 23.23 20.62 -21.96
N MET A 1 -12.92 15.42 -10.95
CA MET A 1 -14.26 14.78 -10.84
C MET A 1 -14.27 13.82 -9.65
N LYS A 2 -13.18 13.09 -9.48
CA LYS A 2 -13.05 12.13 -8.37
C LYS A 2 -11.61 11.65 -8.24
N THR A 3 -11.26 11.18 -7.04
CA THR A 3 -9.91 10.68 -6.77
C THR A 3 -9.67 9.37 -7.54
N LEU A 4 -8.41 8.96 -7.64
CA LEU A 4 -8.04 7.74 -8.37
C LEU A 4 -8.46 6.49 -7.58
N TYR A 5 -9.49 5.79 -8.06
CA TYR A 5 -9.99 4.57 -7.40
C TYR A 5 -10.30 4.85 -5.92
N ASP A 6 -10.66 3.81 -5.18
CA ASP A 6 -10.98 3.93 -3.74
C ASP A 6 -9.71 3.87 -2.90
N LEU A 7 -8.56 3.82 -3.56
CA LEU A 7 -7.26 3.77 -2.88
C LEU A 7 -7.24 2.59 -1.86
N PRO A 8 -7.17 1.37 -2.31
CA PRO A 8 -7.14 0.17 -1.39
C PRO A 8 -6.04 0.27 -0.34
N ILE A 9 -4.84 0.63 -0.80
CA ILE A 9 -3.65 0.77 0.08
C ILE A 9 -3.07 2.19 -0.03
N VAL A 10 -2.76 2.77 1.12
CA VAL A 10 -2.18 4.13 1.19
C VAL A 10 -0.67 4.03 1.41
N LEU A 11 0.09 4.86 0.71
CA LEU A 11 1.56 4.85 0.83
C LEU A 11 2.00 5.96 1.82
N ARG A 12 2.51 5.54 2.98
CA ARG A 12 2.98 6.49 4.03
C ARG A 12 4.49 6.57 4.03
N ASN A 13 5.02 7.70 4.49
CA ASN A 13 6.46 7.92 4.55
C ASN A 13 7.10 7.73 3.17
N LEU A 14 6.47 8.28 2.15
CA LEU A 14 6.97 8.15 0.76
C LEU A 14 8.26 8.99 0.57
N PRO A 15 9.40 8.39 0.32
CA PRO A 15 10.65 9.21 0.08
C PRO A 15 10.41 10.33 -0.96
N GLU A 16 11.09 11.47 -0.78
CA GLU A 16 10.96 12.63 -1.66
C GLU A 16 11.81 12.47 -2.94
N ASP A 17 12.94 11.79 -2.82
CA ASP A 17 13.87 11.60 -3.96
C ASP A 17 13.56 10.32 -4.73
N LEU A 18 12.65 9.50 -4.21
CA LEU A 18 12.27 8.22 -4.87
C LEU A 18 10.77 8.23 -5.17
N VAL A 19 10.37 7.51 -6.21
CA VAL A 19 8.93 7.44 -6.63
C VAL A 19 8.57 6.05 -7.13
N LEU A 20 7.28 5.76 -7.13
CA LEU A 20 6.75 4.47 -7.58
C LEU A 20 6.53 4.50 -9.12
N GLU A 21 7.13 3.54 -9.81
CA GLU A 21 7.02 3.46 -11.30
C GLU A 21 5.73 2.77 -11.73
N LYS A 22 5.09 2.05 -10.80
CA LYS A 22 3.83 1.34 -11.14
C LYS A 22 2.93 1.16 -9.88
N PRO A 23 1.67 1.48 -9.90
CA PRO A 23 0.80 1.34 -8.69
C PRO A 23 0.76 -0.11 -8.17
N LEU A 24 0.54 -0.24 -6.87
CA LEU A 24 0.48 -1.56 -6.18
C LEU A 24 -0.25 -2.64 -7.03
N PRO A 25 0.12 -3.90 -6.95
CA PRO A 25 -0.56 -4.96 -7.77
C PRO A 25 -2.01 -5.20 -7.34
N GLU A 26 -2.30 -5.00 -6.07
CA GLU A 26 -3.65 -5.20 -5.52
C GLU A 26 -4.10 -6.66 -5.71
N VAL A 27 -4.59 -7.28 -4.64
CA VAL A 27 -5.06 -8.68 -4.69
C VAL A 27 -6.15 -8.91 -3.64
N SER A 28 -6.60 -10.15 -3.52
CA SER A 28 -7.66 -10.54 -2.57
C SER A 28 -7.05 -11.01 -1.24
N VAL A 29 -7.92 -11.23 -0.26
CA VAL A 29 -7.49 -11.68 1.09
C VAL A 29 -8.63 -12.46 1.74
N THR A 30 -8.30 -13.31 2.71
CA THR A 30 -9.30 -14.12 3.43
C THR A 30 -9.30 -13.76 4.92
N ILE A 31 -10.46 -13.47 5.48
CA ILE A 31 -10.61 -13.11 6.91
C ILE A 31 -11.64 -14.05 7.57
N ARG A 32 -11.48 -14.26 8.87
CA ARG A 32 -12.38 -15.13 9.67
C ARG A 32 -12.93 -14.35 10.87
N ALA A 33 -14.25 -14.16 10.88
CA ALA A 33 -14.90 -13.45 11.98
C ALA A 33 -16.43 -13.62 11.88
N TYR A 34 -17.14 -13.11 12.89
CA TYR A 34 -18.60 -13.21 12.93
C TYR A 34 -19.25 -12.34 11.81
N PRO A 35 -20.36 -12.72 11.27
CA PRO A 35 -21.04 -11.90 10.20
C PRO A 35 -21.66 -10.61 10.78
N GLU A 36 -22.00 -10.64 12.06
CA GLU A 36 -22.62 -9.48 12.74
C GLU A 36 -21.67 -8.26 12.74
N ILE A 37 -20.38 -8.50 12.99
CA ILE A 37 -19.40 -7.39 13.01
C ILE A 37 -18.90 -7.09 11.59
N LEU A 38 -18.83 -8.13 10.76
CA LEU A 38 -18.37 -7.94 9.36
C LEU A 38 -19.45 -7.21 8.54
N ASN A 39 -20.71 -7.47 8.87
CA ASN A 39 -21.85 -6.83 8.16
C ASN A 39 -22.02 -5.39 8.63
N ASN A 40 -21.35 -5.05 9.73
CA ASN A 40 -21.40 -3.68 10.30
C ASN A 40 -20.10 -2.93 10.01
N LEU A 41 -18.98 -3.63 9.96
CA LEU A 41 -17.67 -3.01 9.72
C LEU A 41 -17.66 -2.38 8.32
N THR A 42 -17.00 -1.23 8.19
CA THR A 42 -16.90 -0.52 6.92
C THR A 42 -15.42 -0.40 6.53
N LYS A 43 -15.18 -0.41 5.22
CA LYS A 43 -13.81 -0.32 4.71
C LYS A 43 -13.09 0.93 5.22
N GLU A 44 -13.82 2.03 5.39
CA GLU A 44 -13.26 3.29 5.87
C GLU A 44 -12.65 3.12 7.27
N GLN A 45 -13.06 2.08 7.99
CA GLN A 45 -12.54 1.81 9.35
C GLN A 45 -11.22 1.05 9.30
N ILE A 46 -11.10 0.09 8.39
CA ILE A 46 -9.88 -0.72 8.27
C ILE A 46 -8.69 0.17 7.90
N SER A 47 -7.60 0.03 8.65
CA SER A 47 -6.38 0.81 8.42
C SER A 47 -5.38 -0.04 7.63
N LEU A 48 -5.04 0.43 6.43
CA LEU A 48 -4.11 -0.27 5.53
C LEU A 48 -3.11 0.70 4.92
N TRP A 49 -1.82 0.48 5.18
CA TRP A 49 -0.77 1.31 4.62
C TRP A 49 0.55 0.57 4.69
N ILE A 50 1.63 1.23 4.28
CA ILE A 50 2.97 0.61 4.28
C ILE A 50 4.02 1.69 4.61
N ASP A 51 5.12 1.25 5.20
CA ASP A 51 6.24 2.15 5.58
C ASP A 51 7.38 2.03 4.56
N ALA A 52 7.55 3.07 3.73
CA ALA A 52 8.62 3.09 2.73
C ALA A 52 9.89 3.70 3.30
N THR A 53 9.86 4.07 4.57
CA THR A 53 11.03 4.65 5.24
C THR A 53 12.05 3.55 5.47
N GLY A 54 13.30 3.94 5.70
CA GLY A 54 14.39 2.97 5.91
C GLY A 54 14.65 2.11 4.64
N LYS A 55 13.59 1.80 3.90
CA LYS A 55 13.69 0.97 2.69
C LYS A 55 14.58 1.69 1.65
N ALA A 56 15.39 0.89 0.95
CA ALA A 56 16.29 1.39 -0.10
C ALA A 56 15.72 1.09 -1.47
N VAL A 57 16.33 1.68 -2.50
CA VAL A 57 15.91 1.50 -3.87
C VAL A 57 15.99 0.02 -4.25
N GLY A 58 15.04 -0.46 -5.04
CA GLY A 58 14.98 -1.86 -5.50
C GLY A 58 13.67 -2.50 -5.08
N GLU A 59 13.47 -3.74 -5.50
CA GLU A 59 12.23 -4.49 -5.18
C GLU A 59 12.45 -5.50 -4.04
N HIS A 60 11.56 -5.44 -3.05
CA HIS A 60 11.62 -6.32 -1.87
C HIS A 60 10.20 -6.61 -1.37
N THR A 61 10.06 -7.76 -0.69
CA THR A 61 8.79 -8.18 -0.11
C THR A 61 8.64 -7.55 1.28
N VAL A 62 7.44 -7.10 1.62
CA VAL A 62 7.19 -6.45 2.95
C VAL A 62 5.83 -6.86 3.51
N LYS A 63 5.73 -6.84 4.83
CA LYS A 63 4.48 -7.18 5.53
C LYS A 63 3.70 -5.91 5.92
N ILE A 64 2.38 -6.04 5.87
CA ILE A 64 1.47 -4.91 6.20
C ILE A 64 1.14 -4.97 7.69
N TYR A 65 1.26 -3.86 8.43
CA TYR A 65 0.96 -3.86 9.88
C TYR A 65 -0.48 -4.28 10.12
N TRP A 66 -1.42 -3.64 9.42
CA TRP A 66 -2.85 -3.94 9.55
C TRP A 66 -3.33 -3.70 10.99
N GLN A 67 -4.44 -2.97 11.14
CA GLN A 67 -5.01 -2.67 12.48
C GLN A 67 -6.54 -2.77 12.43
N LEU A 68 -7.10 -3.55 13.34
CA LEU A 68 -8.58 -3.75 13.43
C LEU A 68 -9.09 -3.56 14.89
N PRO A 69 -9.99 -2.66 15.17
CA PRO A 69 -10.48 -2.46 16.58
C PRO A 69 -11.58 -3.46 16.97
N ALA A 70 -11.33 -4.74 16.75
CA ALA A 70 -12.30 -5.81 17.07
C ALA A 70 -11.59 -7.13 17.40
N GLY A 71 -12.30 -8.24 17.19
CA GLY A 71 -11.77 -9.60 17.48
C GLY A 71 -11.57 -10.37 16.18
N ILE A 72 -10.86 -9.75 15.24
CA ILE A 72 -10.58 -10.36 13.92
C ILE A 72 -9.16 -10.93 13.88
N GLU A 73 -9.02 -12.08 13.23
CA GLU A 73 -7.71 -12.77 13.08
C GLU A 73 -7.28 -12.78 11.61
N MET A 74 -5.98 -12.65 11.37
CA MET A 74 -5.44 -12.65 10.00
C MET A 74 -5.21 -14.09 9.53
N VAL A 75 -6.00 -14.54 8.57
CA VAL A 75 -5.86 -15.92 8.06
C VAL A 75 -4.48 -16.11 7.48
N SER A 76 -4.22 -15.52 6.31
CA SER A 76 -2.94 -15.64 5.64
C SER A 76 -2.90 -14.73 4.42
N ILE A 77 -1.71 -14.32 4.02
CA ILE A 77 -1.56 -13.50 2.78
C ILE A 77 -2.35 -12.16 2.92
N PRO A 78 -2.22 -11.22 2.02
CA PRO A 78 -1.29 -11.20 0.84
C PRO A 78 -0.02 -10.41 1.11
N ASP A 79 1.05 -10.76 0.40
CA ASP A 79 2.34 -10.09 0.50
C ASP A 79 2.37 -8.97 -0.53
N VAL A 80 3.23 -7.97 -0.28
CA VAL A 80 3.36 -6.82 -1.19
C VAL A 80 4.78 -6.78 -1.78
N THR A 81 4.83 -6.66 -3.10
CA THR A 81 6.12 -6.59 -3.83
C THR A 81 6.01 -5.54 -4.96
N TYR A 82 6.92 -4.57 -4.94
CA TYR A 82 6.92 -3.51 -5.95
C TYR A 82 8.35 -3.13 -6.30
N THR A 83 8.49 -2.11 -7.16
CA THR A 83 9.83 -1.63 -7.59
C THR A 83 9.98 -0.14 -7.33
N LEU A 84 10.99 0.21 -6.53
CA LEU A 84 11.27 1.62 -6.17
C LEU A 84 12.42 2.15 -7.04
N LYS A 85 12.24 3.33 -7.61
CA LYS A 85 13.25 3.97 -8.48
C LYS A 85 13.37 5.45 -8.16
N ALA A 86 14.46 6.04 -8.64
CA ALA A 86 14.75 7.46 -8.42
C ALA A 86 13.78 8.35 -9.19
N LYS A 87 13.48 9.52 -8.64
CA LYS A 87 12.57 10.48 -9.25
C LYS A 87 13.12 10.95 -10.60
N GLU A 88 12.26 11.56 -11.42
CA GLU A 88 12.68 12.04 -12.74
C GLU A 88 11.72 13.15 -13.20
N ASP A 89 10.95 13.69 -12.26
CA ASP A 89 9.98 14.75 -12.56
C ASP A 89 10.65 15.96 -13.27
N PRO A 90 10.32 16.27 -14.49
CA PRO A 90 10.96 17.44 -15.21
C PRO A 90 10.25 18.75 -14.87
N LEU A 91 8.98 18.63 -14.48
CA LEU A 91 8.17 19.80 -14.12
C LEU A 91 8.73 20.53 -12.90
N GLU A 92 9.20 19.77 -11.92
CA GLU A 92 9.75 20.37 -10.68
C GLU A 92 10.95 21.25 -11.00
N HIS A 93 12.11 20.64 -11.24
CA HIS A 93 13.34 21.38 -11.57
C HIS A 93 14.28 20.52 -12.43
N HIS A 94 14.87 21.15 -13.43
CA HIS A 94 15.80 20.46 -14.34
C HIS A 94 17.15 20.20 -13.65
N HIS A 95 17.25 19.08 -12.95
CA HIS A 95 18.48 18.71 -12.24
C HIS A 95 19.52 18.16 -13.21
N HIS A 96 20.75 18.03 -12.75
CA HIS A 96 21.86 17.51 -13.57
C HIS A 96 21.98 18.27 -14.90
N HIS A 97 22.81 19.30 -14.92
CA HIS A 97 23.02 20.12 -16.12
C HIS A 97 24.24 21.02 -15.94
N HIS A 98 24.21 21.84 -14.89
CA HIS A 98 25.31 22.76 -14.59
C HIS A 98 26.58 21.98 -14.27
N MET A 1 -21.24 -7.16 -6.20
CA MET A 1 -21.68 -6.47 -7.44
C MET A 1 -20.45 -5.99 -8.22
N LYS A 2 -19.93 -6.84 -9.10
CA LYS A 2 -18.75 -6.51 -9.91
C LYS A 2 -17.57 -6.07 -9.01
N THR A 3 -16.58 -5.42 -9.60
CA THR A 3 -15.41 -4.95 -8.87
C THR A 3 -15.84 -3.99 -7.75
N LEU A 4 -15.19 -4.10 -6.60
CA LEU A 4 -15.51 -3.25 -5.42
C LEU A 4 -14.33 -2.33 -5.08
N TYR A 5 -14.66 -1.10 -4.68
CA TYR A 5 -13.64 -0.12 -4.30
C TYR A 5 -13.01 -0.53 -2.97
N ASP A 6 -11.97 -1.34 -3.01
CA ASP A 6 -11.28 -1.80 -1.80
C ASP A 6 -10.37 -0.71 -1.27
N LEU A 7 -10.52 0.51 -1.79
CA LEU A 7 -9.72 1.65 -1.36
C LEU A 7 -8.22 1.39 -1.60
N PRO A 8 -7.60 1.94 -2.62
CA PRO A 8 -6.13 1.71 -2.87
C PRO A 8 -5.28 1.86 -1.60
N ILE A 9 -4.06 1.33 -1.66
CA ILE A 9 -3.15 1.39 -0.50
C ILE A 9 -2.51 2.78 -0.43
N VAL A 10 -2.26 3.22 0.79
CA VAL A 10 -1.64 4.54 1.05
C VAL A 10 -0.15 4.36 1.33
N LEU A 11 0.67 5.22 0.71
CA LEU A 11 2.12 5.15 0.89
C LEU A 11 2.56 6.14 2.00
N ARG A 12 2.97 5.59 3.14
CA ARG A 12 3.43 6.41 4.28
C ARG A 12 4.94 6.45 4.33
N ASN A 13 5.49 7.55 4.85
CA ASN A 13 6.93 7.72 4.97
C ASN A 13 7.58 7.61 3.60
N LEU A 14 7.00 8.27 2.60
CA LEU A 14 7.53 8.21 1.23
C LEU A 14 8.82 9.08 1.08
N PRO A 15 9.97 8.49 0.84
CA PRO A 15 11.22 9.32 0.64
C PRO A 15 10.99 10.52 -0.32
N GLU A 16 11.67 11.64 -0.08
CA GLU A 16 11.53 12.85 -0.91
C GLU A 16 12.37 12.75 -2.19
N ASP A 17 13.46 12.01 -2.14
CA ASP A 17 14.38 11.87 -3.28
C ASP A 17 14.04 10.63 -4.13
N LEU A 18 13.10 9.82 -3.66
CA LEU A 18 12.68 8.58 -4.38
C LEU A 18 11.19 8.65 -4.68
N VAL A 19 10.75 8.00 -5.75
CA VAL A 19 9.32 8.00 -6.13
C VAL A 19 8.91 6.65 -6.72
N LEU A 20 7.60 6.41 -6.74
CA LEU A 20 7.04 5.17 -7.27
C LEU A 20 6.85 5.30 -8.78
N GLU A 21 7.17 4.24 -9.52
CA GLU A 21 7.04 4.25 -10.99
C GLU A 21 5.61 3.91 -11.43
N LYS A 22 4.91 3.14 -10.60
CA LYS A 22 3.52 2.73 -10.93
C LYS A 22 2.69 2.49 -9.65
N PRO A 23 1.51 3.03 -9.50
CA PRO A 23 0.68 2.78 -8.27
C PRO A 23 0.62 1.30 -7.85
N LEU A 24 0.36 1.07 -6.57
CA LEU A 24 0.28 -0.28 -6.00
C LEU A 24 -1.03 -1.01 -6.43
N PRO A 25 -0.97 -2.09 -7.17
CA PRO A 25 -2.23 -2.81 -7.58
C PRO A 25 -3.11 -3.21 -6.38
N GLU A 26 -4.37 -3.56 -6.67
CA GLU A 26 -5.33 -3.95 -5.65
C GLU A 26 -5.20 -5.44 -5.38
N VAL A 27 -5.52 -5.83 -4.14
CA VAL A 27 -5.45 -7.24 -3.71
C VAL A 27 -6.51 -7.53 -2.65
N SER A 28 -7.10 -8.72 -2.71
CA SER A 28 -8.13 -9.15 -1.75
C SER A 28 -7.48 -9.84 -0.53
N VAL A 29 -8.27 -9.98 0.53
CA VAL A 29 -7.78 -10.62 1.79
C VAL A 29 -8.80 -11.64 2.29
N THR A 30 -8.40 -12.59 3.12
CA THR A 30 -9.35 -13.60 3.66
C THR A 30 -9.39 -13.49 5.18
N ILE A 31 -10.56 -13.18 5.74
CA ILE A 31 -10.75 -13.06 7.20
C ILE A 31 -11.90 -13.99 7.64
N ARG A 32 -11.71 -14.63 8.78
CA ARG A 32 -12.71 -15.56 9.35
C ARG A 32 -13.29 -14.96 10.63
N ALA A 33 -14.60 -14.70 10.61
CA ALA A 33 -15.27 -14.12 11.78
C ALA A 33 -16.79 -14.23 11.65
N TYR A 34 -17.51 -13.75 12.66
CA TYR A 34 -18.98 -13.80 12.66
C TYR A 34 -19.56 -12.85 11.59
N PRO A 35 -20.68 -13.16 10.99
CA PRO A 35 -21.29 -12.25 9.95
C PRO A 35 -21.88 -10.97 10.59
N GLU A 36 -22.24 -11.05 11.86
CA GLU A 36 -22.84 -9.89 12.57
C GLU A 36 -21.85 -8.71 12.64
N ILE A 37 -20.58 -9.00 12.90
CA ILE A 37 -19.54 -7.93 12.98
C ILE A 37 -19.00 -7.61 11.59
N LEU A 38 -18.93 -8.61 10.73
CA LEU A 38 -18.44 -8.41 9.34
C LEU A 38 -19.47 -7.59 8.56
N ASN A 39 -20.74 -7.83 8.82
CA ASN A 39 -21.84 -7.11 8.14
C ASN A 39 -21.91 -5.68 8.65
N ASN A 40 -21.22 -5.40 9.75
CA ASN A 40 -21.19 -4.05 10.37
C ASN A 40 -19.88 -3.35 10.04
N LEU A 41 -18.80 -4.11 9.88
CA LEU A 41 -17.48 -3.57 9.58
C LEU A 41 -17.51 -2.84 8.23
N THR A 42 -16.83 -1.70 8.16
CA THR A 42 -16.76 -0.90 6.92
C THR A 42 -15.31 -0.74 6.49
N LYS A 43 -15.09 -0.70 5.18
CA LYS A 43 -13.74 -0.58 4.63
C LYS A 43 -13.00 0.63 5.21
N GLU A 44 -13.71 1.73 5.40
CA GLU A 44 -13.13 2.97 5.95
C GLU A 44 -12.46 2.71 7.30
N GLN A 45 -12.87 1.64 7.98
CA GLN A 45 -12.30 1.30 9.30
C GLN A 45 -10.93 0.66 9.14
N ILE A 46 -10.74 -0.15 8.11
CA ILE A 46 -9.47 -0.84 7.88
C ILE A 46 -8.39 0.15 7.47
N SER A 47 -7.28 0.14 8.20
CA SER A 47 -6.14 1.05 7.91
C SER A 47 -4.99 0.26 7.28
N LEU A 48 -4.74 0.50 6.00
CA LEU A 48 -3.67 -0.20 5.25
C LEU A 48 -2.68 0.80 4.67
N TRP A 49 -1.39 0.55 4.92
CA TRP A 49 -0.33 1.39 4.42
C TRP A 49 0.98 0.61 4.42
N ILE A 50 2.07 1.28 4.04
CA ILE A 50 3.41 0.66 3.99
C ILE A 50 4.47 1.67 4.42
N ASP A 51 5.53 1.17 5.06
CA ASP A 51 6.64 2.01 5.54
C ASP A 51 7.82 1.93 4.56
N ALA A 52 8.04 3.02 3.83
CA ALA A 52 9.15 3.09 2.85
C ALA A 52 10.41 3.65 3.52
N THR A 53 10.34 3.96 4.81
CA THR A 53 11.48 4.48 5.56
C THR A 53 12.49 3.36 5.76
N GLY A 54 13.75 3.73 6.00
CA GLY A 54 14.83 2.74 6.19
C GLY A 54 15.07 1.91 4.90
N LYS A 55 13.99 1.64 4.16
CA LYS A 55 14.06 0.86 2.93
C LYS A 55 14.89 1.62 1.90
N ALA A 56 15.66 0.87 1.12
CA ALA A 56 16.52 1.41 0.06
C ALA A 56 15.90 1.13 -1.30
N VAL A 57 16.47 1.72 -2.33
CA VAL A 57 15.99 1.54 -3.70
C VAL A 57 16.00 0.05 -4.07
N GLY A 58 15.01 -0.38 -4.84
CA GLY A 58 14.88 -1.79 -5.28
C GLY A 58 13.53 -2.35 -4.89
N GLU A 59 13.22 -3.52 -5.41
CA GLU A 59 11.92 -4.19 -5.13
C GLU A 59 12.07 -5.33 -4.11
N HIS A 60 11.18 -5.34 -3.13
CA HIS A 60 11.16 -6.35 -2.08
C HIS A 60 9.74 -6.59 -1.60
N THR A 61 9.51 -7.77 -1.02
CA THR A 61 8.19 -8.15 -0.47
C THR A 61 8.10 -7.59 0.96
N VAL A 62 6.92 -7.10 1.32
CA VAL A 62 6.72 -6.53 2.67
C VAL A 62 5.30 -6.80 3.17
N LYS A 63 5.14 -6.79 4.50
CA LYS A 63 3.85 -7.04 5.14
C LYS A 63 3.11 -5.72 5.36
N ILE A 64 1.78 -5.80 5.29
CA ILE A 64 0.91 -4.61 5.48
C ILE A 64 0.44 -4.56 6.93
N TYR A 65 0.83 -3.54 7.68
CA TYR A 65 0.44 -3.40 9.08
C TYR A 65 -1.07 -3.16 9.19
N TRP A 66 -1.84 -4.23 9.31
CA TRP A 66 -3.30 -4.15 9.41
C TRP A 66 -3.73 -3.61 10.78
N GLN A 67 -4.86 -2.91 10.82
CA GLN A 67 -5.37 -2.34 12.09
C GLN A 67 -6.90 -2.29 12.06
N LEU A 68 -7.52 -3.10 12.92
CA LEU A 68 -9.00 -3.17 13.00
C LEU A 68 -9.45 -3.47 14.47
N PRO A 69 -10.38 -2.74 15.03
CA PRO A 69 -10.84 -3.00 16.44
C PRO A 69 -11.91 -4.09 16.52
N ALA A 70 -11.49 -5.35 16.47
CA ALA A 70 -12.40 -6.49 16.54
C ALA A 70 -11.68 -7.74 17.03
N GLY A 71 -12.37 -8.87 16.96
CA GLY A 71 -11.84 -10.19 17.40
C GLY A 71 -11.77 -11.15 16.21
N ILE A 72 -11.24 -10.67 15.09
CA ILE A 72 -11.11 -11.47 13.87
C ILE A 72 -9.84 -12.31 13.91
N GLU A 73 -9.82 -13.36 13.10
CA GLU A 73 -8.65 -14.28 13.01
C GLU A 73 -7.87 -14.03 11.71
N MET A 74 -6.60 -13.68 11.84
CA MET A 74 -5.75 -13.41 10.68
C MET A 74 -5.46 -14.71 9.93
N VAL A 75 -6.16 -14.93 8.82
CA VAL A 75 -5.96 -16.15 8.03
C VAL A 75 -4.52 -16.23 7.55
N SER A 76 -4.20 -15.52 6.47
CA SER A 76 -2.84 -15.55 5.91
C SER A 76 -2.77 -14.60 4.74
N ILE A 77 -1.55 -14.19 4.37
CA ILE A 77 -1.35 -13.34 3.20
C ILE A 77 -2.15 -12.02 3.34
N PRO A 78 -2.08 -11.10 2.41
CA PRO A 78 -1.17 -11.08 1.20
C PRO A 78 0.00 -10.16 1.38
N ASP A 79 0.89 -10.20 0.39
CA ASP A 79 2.09 -9.39 0.36
C ASP A 79 2.02 -8.49 -0.84
N VAL A 80 2.83 -7.43 -0.81
CA VAL A 80 2.86 -6.44 -1.89
C VAL A 80 4.30 -6.20 -2.34
N THR A 81 4.52 -6.35 -3.64
CA THR A 81 5.84 -6.14 -4.27
C THR A 81 5.75 -4.96 -5.23
N TYR A 82 6.71 -4.04 -5.10
CA TYR A 82 6.76 -2.85 -5.95
C TYR A 82 8.19 -2.49 -6.25
N THR A 83 8.38 -1.44 -7.04
CA THR A 83 9.73 -0.97 -7.44
C THR A 83 9.91 0.51 -7.09
N LEU A 84 11.01 0.80 -6.41
CA LEU A 84 11.34 2.18 -5.99
C LEU A 84 12.48 2.72 -6.85
N LYS A 85 12.38 3.98 -7.28
CA LYS A 85 13.43 4.63 -8.11
C LYS A 85 13.62 6.09 -7.70
N ALA A 86 14.72 6.68 -8.15
CA ALA A 86 15.06 8.08 -7.87
C ALA A 86 14.07 9.04 -8.53
N LYS A 87 13.86 10.19 -7.91
CA LYS A 87 12.94 11.20 -8.42
C LYS A 87 13.47 11.76 -9.75
N GLU A 88 12.80 11.40 -10.85
CA GLU A 88 13.18 11.87 -12.20
C GLU A 88 11.95 12.32 -12.97
N ASP A 89 11.53 13.57 -12.72
CA ASP A 89 10.36 14.15 -13.39
C ASP A 89 10.44 14.01 -14.94
N PRO A 90 9.59 13.25 -15.57
CA PRO A 90 9.63 13.09 -17.07
C PRO A 90 8.80 14.17 -17.78
N LEU A 91 7.64 14.48 -17.21
CA LEU A 91 6.73 15.48 -17.77
C LEU A 91 7.36 16.87 -17.77
N GLU A 92 8.11 17.20 -16.72
CA GLU A 92 8.76 18.52 -16.61
C GLU A 92 10.14 18.48 -17.29
N HIS A 93 10.31 19.24 -18.37
CA HIS A 93 11.58 19.28 -19.10
C HIS A 93 12.07 17.87 -19.47
N HIS A 94 11.61 17.37 -20.61
CA HIS A 94 12.00 16.03 -21.08
C HIS A 94 13.45 16.02 -21.57
N HIS A 95 14.11 14.88 -21.44
CA HIS A 95 15.51 14.73 -21.88
C HIS A 95 15.83 13.25 -22.12
N HIS A 96 16.93 13.01 -22.84
CA HIS A 96 17.36 11.65 -23.16
C HIS A 96 18.76 11.65 -23.76
N HIS A 97 18.97 12.42 -24.82
CA HIS A 97 20.28 12.51 -25.48
C HIS A 97 21.30 13.16 -24.55
N HIS A 98 20.87 14.18 -23.82
CA HIS A 98 21.74 14.90 -22.88
C HIS A 98 22.98 15.47 -23.61
N MET A 1 -15.31 1.77 -12.34
CA MET A 1 -15.17 0.46 -11.64
C MET A 1 -13.97 0.52 -10.69
N LYS A 2 -13.05 1.45 -10.97
CA LYS A 2 -11.83 1.62 -10.15
C LYS A 2 -11.56 3.11 -9.88
N THR A 3 -10.77 3.37 -8.84
CA THR A 3 -10.42 4.74 -8.46
C THR A 3 -11.67 5.52 -8.03
N LEU A 4 -12.73 4.80 -7.71
CA LEU A 4 -14.00 5.42 -7.29
C LEU A 4 -13.83 6.15 -5.94
N TYR A 5 -13.74 5.38 -4.86
CA TYR A 5 -13.60 5.95 -3.51
C TYR A 5 -13.38 4.82 -2.51
N ASP A 6 -13.06 3.63 -2.99
CA ASP A 6 -12.82 2.46 -2.12
C ASP A 6 -11.58 2.70 -1.26
N LEU A 7 -10.85 3.76 -1.55
CA LEU A 7 -9.63 4.10 -0.81
C LEU A 7 -8.61 2.92 -0.85
N PRO A 8 -7.95 2.70 -1.95
CA PRO A 8 -6.93 1.58 -2.06
C PRO A 8 -5.84 1.68 -0.99
N ILE A 9 -4.67 1.13 -1.31
CA ILE A 9 -3.54 1.15 -0.39
C ILE A 9 -2.87 2.53 -0.42
N VAL A 10 -2.53 3.03 0.76
CA VAL A 10 -1.89 4.35 0.92
C VAL A 10 -0.44 4.17 1.33
N LEU A 11 0.45 4.98 0.78
CA LEU A 11 1.89 4.87 1.10
C LEU A 11 2.26 5.89 2.19
N ARG A 12 2.72 5.38 3.33
CA ARG A 12 3.13 6.22 4.47
C ARG A 12 4.65 6.22 4.62
N ASN A 13 5.18 7.29 5.21
CA ASN A 13 6.61 7.44 5.44
C ASN A 13 7.38 7.33 4.11
N LEU A 14 6.85 7.96 3.07
CA LEU A 14 7.50 7.95 1.74
C LEU A 14 8.68 8.94 1.71
N PRO A 15 9.89 8.53 1.42
CA PRO A 15 11.00 9.55 1.26
C PRO A 15 10.66 10.62 0.20
N GLU A 16 11.21 11.83 0.38
CA GLU A 16 10.94 12.96 -0.54
C GLU A 16 11.74 12.87 -1.85
N ASP A 17 12.84 12.11 -1.83
CA ASP A 17 13.72 11.96 -3.02
C ASP A 17 13.39 10.68 -3.81
N LEU A 18 12.44 9.90 -3.31
CA LEU A 18 12.01 8.64 -3.97
C LEU A 18 10.52 8.71 -4.32
N VAL A 19 10.11 8.01 -5.36
CA VAL A 19 8.69 7.99 -5.78
C VAL A 19 8.30 6.60 -6.26
N LEU A 20 7.00 6.30 -6.16
CA LEU A 20 6.43 5.02 -6.57
C LEU A 20 5.85 5.14 -7.97
N GLU A 21 5.94 4.06 -8.75
CA GLU A 21 5.41 4.04 -10.13
C GLU A 21 3.88 4.13 -10.15
N LYS A 22 3.23 3.41 -9.23
CA LYS A 22 1.74 3.42 -9.18
C LYS A 22 1.18 2.78 -7.87
N PRO A 23 -0.01 3.07 -7.42
CA PRO A 23 -0.58 2.44 -6.17
C PRO A 23 -0.42 0.91 -6.11
N LEU A 24 0.76 0.49 -5.64
CA LEU A 24 1.10 -0.99 -5.49
C LEU A 24 0.35 -1.95 -6.51
N PRO A 25 0.82 -3.13 -6.80
CA PRO A 25 0.09 -4.05 -7.77
C PRO A 25 -1.33 -4.40 -7.29
N GLU A 26 -1.58 -4.27 -6.00
CA GLU A 26 -2.89 -4.59 -5.38
C GLU A 26 -3.09 -6.10 -5.34
N VAL A 27 -3.52 -6.63 -4.19
CA VAL A 27 -3.73 -8.08 -3.98
C VAL A 27 -4.97 -8.31 -3.10
N SER A 28 -5.45 -9.55 -3.07
CA SER A 28 -6.64 -9.94 -2.29
C SER A 28 -6.26 -10.33 -0.84
N VAL A 29 -7.12 -9.98 0.11
CA VAL A 29 -6.91 -10.29 1.55
C VAL A 29 -7.94 -11.34 2.02
N THR A 30 -7.53 -12.31 2.83
CA THR A 30 -8.48 -13.34 3.34
C THR A 30 -8.56 -13.23 4.86
N ILE A 31 -9.74 -12.97 5.39
CA ILE A 31 -9.99 -12.85 6.84
C ILE A 31 -11.19 -13.73 7.24
N ARG A 32 -11.24 -14.10 8.52
CA ARG A 32 -12.33 -14.94 9.06
C ARG A 32 -12.88 -14.32 10.35
N ALA A 33 -14.20 -14.14 10.42
CA ALA A 33 -14.84 -13.54 11.59
C ALA A 33 -16.36 -13.77 11.56
N TYR A 34 -17.05 -13.28 12.59
CA TYR A 34 -18.51 -13.44 12.70
C TYR A 34 -19.23 -12.59 11.62
N PRO A 35 -20.37 -12.99 11.12
CA PRO A 35 -21.11 -12.18 10.09
C PRO A 35 -21.72 -10.88 10.67
N GLU A 36 -22.04 -10.92 11.96
CA GLU A 36 -22.64 -9.75 12.64
C GLU A 36 -21.68 -8.54 12.62
N ILE A 37 -20.40 -8.78 12.87
CA ILE A 37 -19.40 -7.67 12.88
C ILE A 37 -18.96 -7.36 11.45
N LEU A 38 -18.94 -8.38 10.59
CA LEU A 38 -18.53 -8.18 9.17
C LEU A 38 -19.63 -7.45 8.40
N ASN A 39 -20.89 -7.69 8.76
CA ASN A 39 -22.03 -7.05 8.10
C ASN A 39 -22.13 -5.59 8.55
N ASN A 40 -21.46 -5.25 9.64
CA ASN A 40 -21.46 -3.89 10.19
C ASN A 40 -20.17 -3.16 9.82
N LEU A 41 -19.06 -3.90 9.73
CA LEU A 41 -17.77 -3.30 9.38
C LEU A 41 -17.85 -2.66 7.99
N THR A 42 -17.17 -1.53 7.84
CA THR A 42 -17.16 -0.81 6.55
C THR A 42 -15.71 -0.60 6.11
N LYS A 43 -15.51 -0.63 4.80
CA LYS A 43 -14.18 -0.46 4.22
C LYS A 43 -13.46 0.81 4.73
N GLU A 44 -14.19 1.91 4.88
CA GLU A 44 -13.58 3.17 5.36
C GLU A 44 -12.94 2.99 6.75
N GLN A 45 -13.34 1.97 7.48
CA GLN A 45 -12.80 1.69 8.82
C GLN A 45 -11.42 1.04 8.73
N ILE A 46 -11.25 0.13 7.77
CA ILE A 46 -9.98 -0.58 7.60
C ILE A 46 -8.87 0.40 7.20
N SER A 47 -7.76 0.39 7.94
CA SER A 47 -6.60 1.26 7.69
C SER A 47 -5.42 0.42 7.19
N LEU A 48 -5.14 0.51 5.90
CA LEU A 48 -4.03 -0.24 5.25
C LEU A 48 -3.00 0.72 4.69
N TRP A 49 -1.73 0.42 4.94
CA TRP A 49 -0.63 1.23 4.43
C TRP A 49 0.66 0.41 4.48
N ILE A 50 1.76 1.05 4.08
CA ILE A 50 3.09 0.38 4.08
C ILE A 50 4.16 1.39 4.53
N ASP A 51 5.22 0.85 5.14
CA ASP A 51 6.34 1.66 5.63
C ASP A 51 7.53 1.58 4.65
N ALA A 52 7.74 2.64 3.88
CA ALA A 52 8.85 2.69 2.90
C ALA A 52 10.17 2.96 3.62
N THR A 53 10.10 3.38 4.87
CA THR A 53 11.33 3.65 5.64
C THR A 53 12.14 2.36 5.75
N GLY A 54 13.42 2.50 6.13
CA GLY A 54 14.32 1.37 6.26
C GLY A 54 14.66 0.77 4.89
N LYS A 55 13.65 0.57 4.06
CA LYS A 55 13.86 0.00 2.70
C LYS A 55 14.74 0.93 1.87
N ALA A 56 15.15 0.45 0.70
CA ALA A 56 16.03 1.19 -0.22
C ALA A 56 15.52 1.01 -1.65
N VAL A 57 16.23 1.64 -2.58
CA VAL A 57 15.87 1.58 -3.99
C VAL A 57 15.96 0.14 -4.51
N GLY A 58 15.00 -0.22 -5.36
CA GLY A 58 14.91 -1.55 -5.97
C GLY A 58 13.58 -2.21 -5.62
N GLU A 59 13.40 -3.43 -6.09
CA GLU A 59 12.15 -4.19 -5.85
C GLU A 59 12.33 -5.26 -4.76
N HIS A 60 11.44 -5.21 -3.77
CA HIS A 60 11.46 -6.15 -2.65
C HIS A 60 10.03 -6.43 -2.17
N THR A 61 9.87 -7.58 -1.52
CA THR A 61 8.57 -8.01 -0.98
C THR A 61 8.41 -7.41 0.43
N VAL A 62 7.21 -6.96 0.76
CA VAL A 62 6.94 -6.35 2.10
C VAL A 62 5.58 -6.77 2.64
N LYS A 63 5.48 -6.83 3.96
CA LYS A 63 4.24 -7.21 4.65
C LYS A 63 3.47 -5.96 5.11
N ILE A 64 2.15 -6.07 5.09
CA ILE A 64 1.26 -4.97 5.51
C ILE A 64 0.95 -5.12 7.00
N TYR A 65 0.87 -4.03 7.75
CA TYR A 65 0.58 -4.07 9.20
C TYR A 65 -0.93 -4.13 9.45
N TRP A 66 -1.69 -3.33 8.69
CA TRP A 66 -3.16 -3.26 8.81
C TRP A 66 -3.61 -2.99 10.27
N GLN A 67 -4.67 -2.22 10.46
CA GLN A 67 -5.20 -1.91 11.81
C GLN A 67 -6.75 -1.92 11.80
N LEU A 68 -7.32 -2.70 12.71
CA LEU A 68 -8.79 -2.82 12.81
C LEU A 68 -9.20 -3.40 14.18
N PRO A 69 -10.39 -3.17 14.66
CA PRO A 69 -10.85 -3.69 16.02
C PRO A 69 -10.19 -5.01 16.46
N ALA A 70 -9.35 -4.95 17.49
CA ALA A 70 -8.67 -6.15 17.99
C ALA A 70 -9.67 -7.19 18.50
N GLY A 71 -10.29 -7.90 17.56
CA GLY A 71 -11.29 -8.94 17.86
C GLY A 71 -11.27 -10.02 16.78
N ILE A 72 -10.83 -9.67 15.58
CA ILE A 72 -10.77 -10.60 14.45
C ILE A 72 -9.38 -11.25 14.34
N GLU A 73 -9.30 -12.37 13.62
CA GLU A 73 -8.02 -13.12 13.44
C GLU A 73 -7.44 -12.87 12.03
N MET A 74 -6.17 -13.23 11.85
CA MET A 74 -5.46 -13.07 10.54
C MET A 74 -5.19 -14.45 9.91
N VAL A 75 -5.89 -14.76 8.83
CA VAL A 75 -5.70 -16.05 8.14
C VAL A 75 -4.27 -16.15 7.64
N SER A 76 -3.98 -15.52 6.51
CA SER A 76 -2.66 -15.58 5.90
C SER A 76 -2.58 -14.61 4.73
N ILE A 77 -1.36 -14.24 4.35
CA ILE A 77 -1.15 -13.38 3.17
C ILE A 77 -1.96 -12.04 3.31
N PRO A 78 -1.92 -11.13 2.38
CA PRO A 78 -1.08 -11.13 1.13
C PRO A 78 0.18 -10.28 1.26
N ASP A 79 1.09 -10.47 0.31
CA ASP A 79 2.36 -9.73 0.27
C ASP A 79 2.30 -8.72 -0.88
N VAL A 80 3.14 -7.69 -0.80
CA VAL A 80 3.19 -6.63 -1.82
C VAL A 80 4.60 -6.52 -2.39
N THR A 81 4.66 -6.35 -3.70
CA THR A 81 5.93 -6.22 -4.43
C THR A 81 5.81 -5.07 -5.45
N TYR A 82 6.77 -4.15 -5.39
CA TYR A 82 6.76 -2.99 -6.28
C TYR A 82 8.18 -2.60 -6.64
N THR A 83 8.33 -1.58 -7.48
CA THR A 83 9.68 -1.12 -7.93
C THR A 83 9.90 0.35 -7.54
N LEU A 84 10.75 0.57 -6.55
CA LEU A 84 11.05 1.92 -6.07
C LEU A 84 12.17 2.51 -6.90
N LYS A 85 11.98 3.71 -7.44
CA LYS A 85 12.99 4.40 -8.27
C LYS A 85 13.21 5.82 -7.77
N ALA A 86 14.36 6.37 -8.14
CA ALA A 86 14.76 7.73 -7.73
C ALA A 86 13.92 8.78 -8.44
N LYS A 87 13.50 9.79 -7.70
CA LYS A 87 12.68 10.88 -8.24
C LYS A 87 13.43 11.58 -9.37
N GLU A 88 12.81 11.64 -10.55
CA GLU A 88 13.41 12.29 -11.71
C GLU A 88 12.34 12.52 -12.77
N ASP A 89 11.63 13.64 -12.65
CA ASP A 89 10.56 14.01 -13.57
C ASP A 89 11.08 14.10 -15.05
N PRO A 90 10.41 13.52 -16.00
CA PRO A 90 10.87 13.59 -17.44
C PRO A 90 10.35 14.84 -18.14
N LEU A 91 9.12 15.21 -17.80
CA LEU A 91 8.46 16.38 -18.39
C LEU A 91 9.23 17.67 -18.08
N GLU A 92 9.89 17.72 -16.92
CA GLU A 92 10.67 18.90 -16.52
C GLU A 92 11.80 19.16 -17.53
N HIS A 93 11.51 19.99 -18.53
CA HIS A 93 12.49 20.31 -19.58
C HIS A 93 13.68 21.08 -18.99
N HIS A 94 13.41 22.00 -18.06
CA HIS A 94 14.46 22.82 -17.44
C HIS A 94 15.46 21.92 -16.67
N HIS A 95 16.74 22.05 -17.00
CA HIS A 95 17.80 21.26 -16.35
C HIS A 95 19.17 21.82 -16.72
N HIS A 96 19.21 22.72 -17.68
CA HIS A 96 20.47 23.32 -18.14
C HIS A 96 21.14 24.11 -17.00
N HIS A 97 20.35 24.84 -16.22
CA HIS A 97 20.86 25.64 -15.10
C HIS A 97 21.96 26.61 -15.57
N HIS A 98 22.56 27.33 -14.63
CA HIS A 98 23.63 28.30 -14.94
C HIS A 98 23.15 29.34 -15.95
N MET A 1 -18.45 8.93 -13.64
CA MET A 1 -17.09 9.12 -13.04
C MET A 1 -17.24 9.07 -11.52
N LYS A 2 -16.99 7.92 -10.93
CA LYS A 2 -17.09 7.76 -9.48
C LYS A 2 -16.33 6.53 -9.01
N THR A 3 -15.87 5.73 -9.98
CA THR A 3 -15.14 4.51 -9.67
C THR A 3 -13.88 4.81 -8.85
N LEU A 4 -13.19 5.89 -9.22
CA LEU A 4 -11.96 6.30 -8.52
C LEU A 4 -12.27 6.75 -7.09
N TYR A 5 -11.36 7.55 -6.54
CA TYR A 5 -11.49 8.07 -5.19
C TYR A 5 -11.69 6.92 -4.21
N ASP A 6 -11.04 5.79 -4.48
CA ASP A 6 -11.14 4.61 -3.62
C ASP A 6 -10.08 4.63 -2.56
N LEU A 7 -9.13 5.56 -2.69
CA LEU A 7 -7.99 5.70 -1.72
C LEU A 7 -7.85 4.44 -0.81
N PRO A 8 -7.40 3.33 -1.34
CA PRO A 8 -7.29 2.07 -0.55
C PRO A 8 -6.02 2.05 0.29
N ILE A 9 -4.93 1.57 -0.31
CA ILE A 9 -3.66 1.49 0.37
C ILE A 9 -2.92 2.83 0.28
N VAL A 10 -2.50 3.31 1.44
CA VAL A 10 -1.76 4.58 1.52
C VAL A 10 -0.31 4.33 1.84
N LEU A 11 0.57 5.15 1.27
CA LEU A 11 2.01 5.00 1.51
C LEU A 11 2.50 6.05 2.51
N ARG A 12 3.10 5.57 3.60
CA ARG A 12 3.63 6.46 4.66
C ARG A 12 5.14 6.48 4.62
N ASN A 13 5.71 7.55 5.13
CA ASN A 13 7.18 7.72 5.19
C ASN A 13 7.73 8.02 3.82
N LEU A 14 6.93 7.72 2.81
CA LEU A 14 7.33 7.95 1.40
C LEU A 14 8.43 9.03 1.25
N PRO A 15 9.68 8.68 1.18
CA PRO A 15 10.77 9.69 1.00
C PRO A 15 10.42 10.73 -0.08
N GLU A 16 11.03 11.91 0.00
CA GLU A 16 10.78 13.00 -0.96
C GLU A 16 11.64 12.85 -2.21
N ASP A 17 12.77 12.17 -2.07
CA ASP A 17 13.72 11.97 -3.17
C ASP A 17 13.41 10.70 -3.96
N LEU A 18 12.47 9.91 -3.46
CA LEU A 18 12.08 8.64 -4.11
C LEU A 18 10.62 8.70 -4.50
N VAL A 19 10.27 8.02 -5.58
CA VAL A 19 8.87 8.01 -6.07
C VAL A 19 8.50 6.64 -6.60
N LEU A 20 7.20 6.37 -6.57
CA LEU A 20 6.67 5.09 -7.03
C LEU A 20 6.35 5.17 -8.53
N GLU A 21 6.84 4.22 -9.31
CA GLU A 21 6.61 4.18 -10.75
C GLU A 21 5.13 4.01 -11.07
N LYS A 22 4.42 3.26 -10.24
CA LYS A 22 2.97 3.02 -10.48
C LYS A 22 2.21 2.77 -9.18
N PRO A 23 0.95 3.13 -9.10
CA PRO A 23 0.16 2.95 -7.85
C PRO A 23 0.06 1.49 -7.46
N LEU A 24 -0.17 1.29 -6.16
CA LEU A 24 -0.29 -0.04 -5.57
C LEU A 24 -1.03 -1.04 -6.47
N PRO A 25 -0.77 -2.31 -6.37
CA PRO A 25 -1.43 -3.35 -7.23
C PRO A 25 -2.83 -3.67 -6.76
N GLU A 26 -3.10 -3.49 -5.47
CA GLU A 26 -4.40 -3.76 -4.88
C GLU A 26 -4.74 -5.25 -4.97
N VAL A 27 -5.20 -5.82 -3.88
CA VAL A 27 -5.56 -7.24 -3.83
C VAL A 27 -6.60 -7.48 -2.72
N SER A 28 -7.23 -8.65 -2.78
CA SER A 28 -8.24 -9.04 -1.79
C SER A 28 -7.58 -9.64 -0.54
N VAL A 29 -8.37 -9.80 0.51
CA VAL A 29 -7.89 -10.37 1.79
C VAL A 29 -8.84 -11.44 2.29
N THR A 30 -8.36 -12.38 3.10
CA THR A 30 -9.24 -13.42 3.65
C THR A 30 -9.28 -13.36 5.16
N ILE A 31 -10.45 -13.12 5.73
CA ILE A 31 -10.62 -13.05 7.19
C ILE A 31 -11.72 -14.00 7.64
N ARG A 32 -11.52 -14.62 8.80
CA ARG A 32 -12.49 -15.56 9.38
C ARG A 32 -13.05 -14.99 10.68
N ALA A 33 -14.36 -14.79 10.71
CA ALA A 33 -15.03 -14.23 11.90
C ALA A 33 -16.53 -14.41 11.82
N TYR A 34 -17.25 -13.91 12.82
CA TYR A 34 -18.69 -14.01 12.88
C TYR A 34 -19.35 -13.14 11.79
N PRO A 35 -20.48 -13.52 11.24
CA PRO A 35 -21.16 -12.69 10.19
C PRO A 35 -21.79 -11.42 10.76
N GLU A 36 -22.12 -11.45 12.05
CA GLU A 36 -22.76 -10.29 12.71
C GLU A 36 -21.83 -9.08 12.70
N ILE A 37 -20.54 -9.32 12.96
CA ILE A 37 -19.55 -8.24 12.97
C ILE A 37 -19.08 -7.95 11.56
N LEU A 38 -19.02 -8.98 10.73
CA LEU A 38 -18.58 -8.82 9.33
C LEU A 38 -19.65 -8.11 8.54
N ASN A 39 -20.90 -8.35 8.89
CA ASN A 39 -22.03 -7.73 8.22
C ASN A 39 -22.13 -6.27 8.63
N ASN A 40 -21.45 -5.90 9.71
CA ASN A 40 -21.46 -4.53 10.23
C ASN A 40 -20.18 -3.81 9.85
N LEU A 41 -19.10 -4.57 9.68
CA LEU A 41 -17.81 -4.01 9.33
C LEU A 41 -17.87 -3.34 7.97
N THR A 42 -17.20 -2.19 7.85
CA THR A 42 -17.15 -1.44 6.58
C THR A 42 -15.71 -1.24 6.15
N LYS A 43 -15.49 -1.29 4.83
CA LYS A 43 -14.15 -1.13 4.26
C LYS A 43 -13.44 0.11 4.79
N GLU A 44 -14.18 1.20 4.96
CA GLU A 44 -13.61 2.45 5.46
C GLU A 44 -12.97 2.26 6.83
N GLN A 45 -13.38 1.22 7.54
CA GLN A 45 -12.85 0.93 8.88
C GLN A 45 -11.44 0.37 8.79
N ILE A 46 -11.21 -0.51 7.82
CA ILE A 46 -9.90 -1.15 7.66
C ILE A 46 -8.84 -0.13 7.28
N SER A 47 -7.76 -0.11 8.04
CA SER A 47 -6.64 0.83 7.81
C SER A 47 -5.40 0.05 7.34
N LEU A 48 -4.96 0.34 6.13
CA LEU A 48 -3.78 -0.32 5.54
C LEU A 48 -2.83 0.69 4.96
N TRP A 49 -1.53 0.47 5.20
CA TRP A 49 -0.50 1.33 4.69
C TRP A 49 0.83 0.59 4.66
N ILE A 50 1.87 1.25 4.20
CA ILE A 50 3.21 0.65 4.10
C ILE A 50 4.27 1.68 4.49
N ASP A 51 5.40 1.16 4.99
CA ASP A 51 6.52 2.02 5.41
C ASP A 51 7.70 1.90 4.43
N ALA A 52 7.90 2.96 3.64
CA ALA A 52 9.00 3.00 2.66
C ALA A 52 10.31 3.41 3.35
N THR A 53 10.27 3.64 4.66
CA THR A 53 11.47 4.02 5.41
C THR A 53 12.46 2.87 5.40
N GLY A 54 13.73 3.16 5.67
CA GLY A 54 14.79 2.12 5.69
C GLY A 54 14.92 1.44 4.30
N LYS A 55 13.77 1.08 3.74
CA LYS A 55 13.69 0.42 2.45
C LYS A 55 14.50 1.20 1.41
N ALA A 56 15.24 0.46 0.59
CA ALA A 56 16.07 1.04 -0.46
C ALA A 56 15.45 0.76 -1.82
N VAL A 57 16.04 1.36 -2.85
CA VAL A 57 15.56 1.20 -4.20
C VAL A 57 15.68 -0.27 -4.62
N GLY A 58 14.75 -0.70 -5.46
CA GLY A 58 14.73 -2.08 -5.97
C GLY A 58 13.46 -2.77 -5.52
N GLU A 59 13.28 -4.00 -5.99
CA GLU A 59 12.09 -4.79 -5.64
C GLU A 59 12.30 -5.64 -4.40
N HIS A 60 11.39 -5.49 -3.44
CA HIS A 60 11.45 -6.24 -2.20
C HIS A 60 10.04 -6.51 -1.69
N THR A 61 9.86 -7.65 -1.04
CA THR A 61 8.57 -8.05 -0.46
C THR A 61 8.42 -7.38 0.90
N VAL A 62 7.21 -6.93 1.22
CA VAL A 62 6.96 -6.26 2.51
C VAL A 62 5.58 -6.62 3.05
N LYS A 63 5.46 -6.59 4.37
CA LYS A 63 4.19 -6.90 5.05
C LYS A 63 3.39 -5.63 5.34
N ILE A 64 2.07 -5.79 5.33
CA ILE A 64 1.15 -4.65 5.58
C ILE A 64 0.79 -4.61 7.06
N TYR A 65 1.02 -3.49 7.73
CA TYR A 65 0.70 -3.36 9.16
C TYR A 65 -0.80 -3.29 9.34
N TRP A 66 -1.42 -4.45 9.55
CA TRP A 66 -2.86 -4.56 9.75
C TRP A 66 -3.34 -3.61 10.87
N GLN A 67 -4.54 -3.06 10.72
CA GLN A 67 -5.09 -2.16 11.73
C GLN A 67 -6.62 -2.20 11.71
N LEU A 68 -7.21 -2.99 12.60
CA LEU A 68 -8.66 -3.09 12.69
C LEU A 68 -9.09 -3.54 14.10
N PRO A 69 -10.32 -3.32 14.49
CA PRO A 69 -10.83 -3.72 15.85
C PRO A 69 -10.16 -4.99 16.44
N ALA A 70 -9.49 -4.82 17.57
CA ALA A 70 -8.80 -5.94 18.22
C ALA A 70 -9.78 -7.03 18.68
N GLY A 71 -10.36 -7.73 17.71
CA GLY A 71 -11.34 -8.82 17.98
C GLY A 71 -11.28 -9.87 16.90
N ILE A 72 -10.81 -9.48 15.73
CA ILE A 72 -10.70 -10.38 14.55
C ILE A 72 -9.27 -10.87 14.40
N GLU A 73 -9.15 -12.00 13.72
CA GLU A 73 -7.85 -12.63 13.46
C GLU A 73 -7.50 -12.56 11.97
N MET A 74 -6.22 -12.58 11.68
CA MET A 74 -5.72 -12.51 10.28
C MET A 74 -5.41 -13.92 9.78
N VAL A 75 -6.13 -14.33 8.74
CA VAL A 75 -5.92 -15.67 8.17
C VAL A 75 -4.51 -15.79 7.66
N SER A 76 -4.23 -15.19 6.51
CA SER A 76 -2.92 -15.25 5.91
C SER A 76 -2.87 -14.29 4.73
N ILE A 77 -1.66 -13.91 4.33
CA ILE A 77 -1.48 -13.05 3.16
C ILE A 77 -2.26 -11.71 3.31
N PRO A 78 -2.18 -10.79 2.40
CA PRO A 78 -1.32 -10.83 1.16
C PRO A 78 -0.07 -10.01 1.32
N ASP A 79 0.85 -10.20 0.39
CA ASP A 79 2.11 -9.52 0.35
C ASP A 79 2.13 -8.62 -0.86
N VAL A 80 2.96 -7.58 -0.79
CA VAL A 80 3.07 -6.61 -1.90
C VAL A 80 4.53 -6.48 -2.33
N THR A 81 4.72 -6.38 -3.64
CA THR A 81 6.04 -6.22 -4.25
C THR A 81 6.00 -5.19 -5.38
N TYR A 82 6.92 -4.24 -5.36
CA TYR A 82 6.99 -3.20 -6.40
C TYR A 82 8.44 -2.80 -6.66
N THR A 83 8.62 -1.75 -7.47
CA THR A 83 9.96 -1.24 -7.83
C THR A 83 10.09 0.24 -7.54
N LEU A 84 10.90 0.55 -6.52
CA LEU A 84 11.13 1.94 -6.15
C LEU A 84 12.32 2.53 -6.93
N LYS A 85 12.16 3.74 -7.44
CA LYS A 85 13.20 4.43 -8.21
C LYS A 85 13.44 5.84 -7.69
N ALA A 86 14.59 6.39 -8.03
CA ALA A 86 14.99 7.73 -7.61
C ALA A 86 14.25 8.80 -8.39
N LYS A 87 14.02 9.94 -7.75
CA LYS A 87 13.32 11.05 -8.38
C LYS A 87 14.07 11.53 -9.63
N GLU A 88 13.32 11.73 -10.72
CA GLU A 88 13.92 12.19 -11.98
C GLU A 88 12.82 12.67 -12.93
N ASP A 89 12.46 13.94 -12.85
CA ASP A 89 11.42 14.51 -13.69
C ASP A 89 11.69 14.27 -15.21
N PRO A 90 10.68 14.06 -16.00
CA PRO A 90 10.86 13.84 -17.48
C PRO A 90 11.00 15.16 -18.23
N LEU A 91 10.37 16.20 -17.70
CA LEU A 91 10.40 17.53 -18.33
C LEU A 91 11.81 18.10 -18.40
N GLU A 92 12.53 17.99 -17.27
CA GLU A 92 13.90 18.50 -17.18
C GLU A 92 14.88 17.39 -17.51
N HIS A 93 16.15 17.75 -17.65
CA HIS A 93 17.20 16.79 -17.96
C HIS A 93 16.93 16.07 -19.29
N HIS A 94 16.01 15.12 -19.26
CA HIS A 94 15.64 14.32 -20.43
C HIS A 94 16.85 13.60 -21.02
N HIS A 95 17.65 12.96 -20.18
CA HIS A 95 18.83 12.23 -20.62
C HIS A 95 19.76 13.11 -21.46
N HIS A 96 20.63 13.87 -20.81
CA HIS A 96 21.57 14.76 -21.50
C HIS A 96 22.81 15.00 -20.66
N HIS A 97 23.95 15.09 -21.34
CA HIS A 97 25.24 15.33 -20.67
C HIS A 97 25.48 14.26 -19.60
N HIS A 98 25.03 13.04 -19.88
CA HIS A 98 25.17 11.92 -18.95
C HIS A 98 24.56 12.27 -17.58
N MET A 1 -16.19 10.25 -12.60
CA MET A 1 -16.06 11.14 -11.41
C MET A 1 -14.65 11.74 -11.40
N LYS A 2 -14.46 12.78 -10.59
CA LYS A 2 -13.16 13.45 -10.48
C LYS A 2 -12.11 12.50 -9.91
N THR A 3 -12.50 11.73 -8.90
CA THR A 3 -11.59 10.76 -8.26
C THR A 3 -11.24 9.66 -9.25
N LEU A 4 -10.12 9.82 -9.95
CA LEU A 4 -9.66 8.84 -10.93
C LEU A 4 -9.34 7.50 -10.27
N TYR A 5 -8.78 7.54 -9.07
CA TYR A 5 -8.42 6.32 -8.32
C TYR A 5 -8.62 6.55 -6.81
N ASP A 6 -9.28 5.62 -6.14
CA ASP A 6 -9.54 5.71 -4.70
C ASP A 6 -8.26 5.45 -3.91
N LEU A 7 -7.39 4.61 -4.45
CA LEU A 7 -6.12 4.26 -3.80
C LEU A 7 -6.37 3.73 -2.37
N PRO A 8 -6.86 2.52 -2.23
CA PRO A 8 -7.13 1.93 -0.87
C PRO A 8 -5.91 1.97 0.04
N ILE A 9 -4.77 1.52 -0.48
CA ILE A 9 -3.51 1.48 0.26
C ILE A 9 -2.83 2.85 0.21
N VAL A 10 -2.42 3.33 1.37
CA VAL A 10 -1.73 4.64 1.46
C VAL A 10 -0.24 4.41 1.74
N LEU A 11 0.60 5.24 1.14
CA LEU A 11 2.08 5.12 1.31
C LEU A 11 2.55 6.16 2.34
N ARG A 12 3.13 5.68 3.43
CA ARG A 12 3.64 6.55 4.51
C ARG A 12 5.18 6.67 4.42
N ASN A 13 5.71 7.80 4.84
CA ASN A 13 7.17 8.08 4.82
C ASN A 13 7.67 8.31 3.38
N LEU A 14 6.84 7.94 2.40
CA LEU A 14 7.19 8.10 0.95
C LEU A 14 8.25 9.23 0.70
N PRO A 15 9.52 8.95 0.68
CA PRO A 15 10.55 10.02 0.43
C PRO A 15 10.38 10.60 -0.95
N GLU A 16 10.24 11.92 -1.06
CA GLU A 16 10.10 12.58 -2.35
C GLU A 16 11.17 12.12 -3.34
N ASP A 17 12.44 12.22 -2.95
CA ASP A 17 13.58 11.81 -3.79
C ASP A 17 13.32 10.47 -4.49
N LEU A 18 12.42 9.67 -3.93
CA LEU A 18 12.05 8.35 -4.49
C LEU A 18 10.58 8.38 -4.93
N VAL A 19 10.27 7.66 -6.00
CA VAL A 19 8.87 7.62 -6.54
C VAL A 19 8.52 6.20 -7.01
N LEU A 20 7.22 5.88 -6.95
CA LEU A 20 6.72 4.57 -7.38
C LEU A 20 6.36 4.61 -8.88
N GLU A 21 6.84 3.62 -9.64
CA GLU A 21 6.58 3.56 -11.09
C GLU A 21 5.09 3.45 -11.41
N LYS A 22 4.36 2.69 -10.59
CA LYS A 22 2.91 2.49 -10.80
C LYS A 22 2.15 2.33 -9.46
N PRO A 23 0.92 2.73 -9.34
CA PRO A 23 0.16 2.58 -8.03
C PRO A 23 0.28 1.15 -7.44
N LEU A 24 0.08 1.06 -6.13
CA LEU A 24 0.17 -0.22 -5.40
C LEU A 24 -0.54 -1.41 -6.19
N PRO A 25 0.09 -2.54 -6.35
CA PRO A 25 -0.56 -3.70 -7.08
C PRO A 25 -2.01 -3.99 -6.65
N GLU A 26 -2.27 -3.86 -5.36
CA GLU A 26 -3.60 -4.12 -4.78
C GLU A 26 -3.97 -5.59 -4.94
N VAL A 27 -4.45 -6.22 -3.87
CA VAL A 27 -4.82 -7.63 -3.87
C VAL A 27 -5.86 -7.92 -2.77
N SER A 28 -6.57 -9.03 -2.92
CA SER A 28 -7.62 -9.43 -1.95
C SER A 28 -7.02 -10.21 -0.78
N VAL A 29 -7.83 -10.42 0.26
CA VAL A 29 -7.39 -11.14 1.48
C VAL A 29 -8.53 -12.01 2.01
N THR A 30 -8.22 -12.97 2.86
CA THR A 30 -9.25 -13.87 3.45
C THR A 30 -9.27 -13.71 4.97
N ILE A 31 -10.43 -13.44 5.54
CA ILE A 31 -10.62 -13.26 7.00
C ILE A 31 -11.77 -14.18 7.49
N ARG A 32 -11.68 -14.60 8.74
CA ARG A 32 -12.69 -15.49 9.38
C ARG A 32 -13.23 -14.81 10.63
N ALA A 33 -14.54 -14.58 10.63
CA ALA A 33 -15.19 -13.92 11.76
C ALA A 33 -16.72 -14.08 11.65
N TYR A 34 -17.43 -13.60 12.67
CA TYR A 34 -18.88 -13.69 12.72
C TYR A 34 -19.54 -12.77 11.64
N PRO A 35 -20.66 -13.11 11.09
CA PRO A 35 -21.33 -12.25 10.06
C PRO A 35 -21.91 -10.96 10.69
N GLU A 36 -22.23 -11.02 11.98
CA GLU A 36 -22.82 -9.87 12.70
C GLU A 36 -21.84 -8.67 12.72
N ILE A 37 -20.56 -8.94 12.93
CA ILE A 37 -19.54 -7.86 12.97
C ILE A 37 -19.05 -7.54 11.54
N LEU A 38 -18.98 -8.55 10.70
CA LEU A 38 -18.53 -8.34 9.29
C LEU A 38 -19.58 -7.51 8.52
N ASN A 39 -20.85 -7.74 8.83
CA ASN A 39 -21.95 -7.01 8.17
C ASN A 39 -22.04 -5.60 8.73
N ASN A 40 -21.33 -5.33 9.83
CA ASN A 40 -21.31 -4.02 10.48
C ASN A 40 -20.03 -3.28 10.15
N LEU A 41 -18.91 -4.00 10.03
CA LEU A 41 -17.61 -3.42 9.73
C LEU A 41 -17.65 -2.74 8.35
N THR A 42 -16.98 -1.59 8.23
CA THR A 42 -16.93 -0.83 6.95
C THR A 42 -15.48 -0.65 6.51
N LYS A 43 -15.27 -0.66 5.20
CA LYS A 43 -13.94 -0.52 4.64
C LYS A 43 -13.22 0.73 5.18
N GLU A 44 -13.95 1.83 5.35
CA GLU A 44 -13.38 3.08 5.86
C GLU A 44 -12.72 2.88 7.23
N GLN A 45 -13.11 1.84 7.95
CA GLN A 45 -12.54 1.56 9.29
C GLN A 45 -11.17 0.89 9.18
N ILE A 46 -10.99 -0.02 8.23
CA ILE A 46 -9.72 -0.74 8.06
C ILE A 46 -8.60 0.26 7.70
N SER A 47 -7.50 0.21 8.46
CA SER A 47 -6.33 1.11 8.25
C SER A 47 -5.15 0.30 7.72
N LEU A 48 -4.81 0.51 6.46
CA LEU A 48 -3.69 -0.20 5.81
C LEU A 48 -2.70 0.79 5.22
N TRP A 49 -1.41 0.53 5.44
CA TRP A 49 -0.34 1.39 4.92
C TRP A 49 0.95 0.60 4.87
N ILE A 50 2.02 1.25 4.45
CA ILE A 50 3.35 0.61 4.36
C ILE A 50 4.44 1.61 4.77
N ASP A 51 5.46 1.09 5.45
CA ASP A 51 6.58 1.92 5.91
C ASP A 51 7.76 1.85 4.92
N ALA A 52 7.94 2.92 4.16
CA ALA A 52 9.05 2.99 3.18
C ALA A 52 10.32 3.52 3.85
N THR A 53 10.28 3.83 5.14
CA THR A 53 11.44 4.33 5.87
C THR A 53 12.52 3.24 5.89
N GLY A 54 13.78 3.66 6.06
CA GLY A 54 14.91 2.72 6.08
C GLY A 54 15.06 1.98 4.72
N LYS A 55 13.94 1.51 4.17
CA LYS A 55 13.94 0.78 2.90
C LYS A 55 14.73 1.56 1.83
N ALA A 56 15.48 0.82 1.03
CA ALA A 56 16.30 1.40 -0.05
C ALA A 56 15.66 1.12 -1.40
N VAL A 57 16.21 1.71 -2.45
CA VAL A 57 15.73 1.54 -3.80
C VAL A 57 15.82 0.06 -4.21
N GLY A 58 14.86 -0.39 -5.00
CA GLY A 58 14.79 -1.79 -5.48
C GLY A 58 13.50 -2.44 -5.02
N GLU A 59 13.25 -3.65 -5.54
CA GLU A 59 12.02 -4.41 -5.20
C GLU A 59 12.24 -5.39 -4.03
N HIS A 60 11.34 -5.31 -3.05
CA HIS A 60 11.39 -6.18 -1.87
C HIS A 60 9.97 -6.45 -1.34
N THR A 61 9.81 -7.62 -0.71
CA THR A 61 8.53 -8.01 -0.12
C THR A 61 8.37 -7.32 1.24
N VAL A 62 7.16 -6.89 1.57
CA VAL A 62 6.92 -6.20 2.86
C VAL A 62 5.55 -6.58 3.45
N LYS A 63 5.46 -6.52 4.78
CA LYS A 63 4.23 -6.86 5.51
C LYS A 63 3.49 -5.59 5.94
N ILE A 64 2.16 -5.66 5.90
CA ILE A 64 1.31 -4.52 6.28
C ILE A 64 1.24 -4.44 7.82
N TYR A 65 1.31 -3.26 8.40
CA TYR A 65 1.27 -3.09 9.86
C TYR A 65 -0.06 -3.61 10.43
N TRP A 66 -1.09 -3.65 9.60
CA TRP A 66 -2.42 -4.14 9.98
C TRP A 66 -3.02 -3.28 11.14
N GLN A 67 -4.24 -2.78 10.95
CA GLN A 67 -4.93 -1.96 11.98
C GLN A 67 -6.45 -2.05 11.81
N LEU A 68 -7.10 -2.87 12.64
CA LEU A 68 -8.57 -3.04 12.59
C LEU A 68 -9.15 -3.30 14.02
N PRO A 69 -10.13 -2.57 14.48
CA PRO A 69 -10.68 -2.78 15.86
C PRO A 69 -11.75 -3.89 15.88
N ALA A 70 -11.30 -5.12 16.08
CA ALA A 70 -12.20 -6.28 16.12
C ALA A 70 -11.47 -7.51 16.65
N GLY A 71 -12.17 -8.64 16.61
CA GLY A 71 -11.63 -9.93 17.08
C GLY A 71 -11.52 -10.90 15.91
N ILE A 72 -10.99 -10.42 14.79
CA ILE A 72 -10.82 -11.24 13.58
C ILE A 72 -9.54 -12.07 13.68
N GLU A 73 -9.50 -13.14 12.91
CA GLU A 73 -8.34 -14.07 12.86
C GLU A 73 -7.62 -13.94 11.50
N MET A 74 -6.34 -13.58 11.53
CA MET A 74 -5.55 -13.43 10.30
C MET A 74 -5.30 -14.81 9.66
N VAL A 75 -6.09 -15.13 8.64
CA VAL A 75 -5.96 -16.43 7.96
C VAL A 75 -4.56 -16.59 7.38
N SER A 76 -4.30 -15.91 6.26
CA SER A 76 -3.01 -15.99 5.58
C SER A 76 -2.94 -14.92 4.48
N ILE A 77 -1.72 -14.56 4.10
CA ILE A 77 -1.51 -13.60 3.00
C ILE A 77 -2.25 -12.24 3.31
N PRO A 78 -2.18 -11.25 2.46
CA PRO A 78 -1.38 -11.16 1.21
C PRO A 78 -0.10 -10.34 1.39
N ASP A 79 0.83 -10.55 0.47
CA ASP A 79 2.13 -9.87 0.45
C ASP A 79 2.12 -8.86 -0.69
N VAL A 80 2.95 -7.83 -0.55
CA VAL A 80 3.07 -6.77 -1.55
C VAL A 80 4.51 -6.67 -2.05
N THR A 81 4.64 -6.62 -3.37
CA THR A 81 5.95 -6.51 -4.04
C THR A 81 5.86 -5.46 -5.15
N TYR A 82 6.79 -4.50 -5.12
CA TYR A 82 6.82 -3.43 -6.12
C TYR A 82 8.25 -3.06 -6.43
N THR A 83 8.43 -2.00 -7.22
CA THR A 83 9.78 -1.53 -7.62
C THR A 83 9.94 -0.04 -7.35
N LEU A 84 10.82 0.31 -6.41
CA LEU A 84 11.07 1.72 -6.07
C LEU A 84 12.19 2.27 -6.95
N LYS A 85 12.03 3.49 -7.44
CA LYS A 85 13.03 4.14 -8.30
C LYS A 85 13.20 5.60 -7.92
N ALA A 86 14.30 6.19 -8.37
CA ALA A 86 14.63 7.59 -8.09
C ALA A 86 13.79 8.53 -8.97
N LYS A 87 13.46 9.70 -8.42
CA LYS A 87 12.68 10.70 -9.15
C LYS A 87 13.45 11.19 -10.38
N GLU A 88 12.71 11.66 -11.38
CA GLU A 88 13.30 12.16 -12.63
C GLU A 88 12.25 12.92 -13.45
N ASP A 89 12.05 14.18 -13.12
CA ASP A 89 11.05 15.03 -13.80
C ASP A 89 11.32 15.12 -15.33
N PRO A 90 10.32 15.15 -16.16
CA PRO A 90 10.52 15.25 -17.65
C PRO A 90 10.75 16.70 -18.09
N LEU A 91 10.24 17.63 -17.29
CA LEU A 91 10.36 19.06 -17.59
C LEU A 91 11.82 19.52 -17.59
N GLU A 92 12.62 18.97 -16.66
CA GLU A 92 14.06 19.33 -16.54
C GLU A 92 14.92 18.06 -16.57
N HIS A 93 15.82 17.97 -17.53
CA HIS A 93 16.72 16.81 -17.67
C HIS A 93 17.85 17.13 -18.66
N HIS A 94 19.02 17.47 -18.13
CA HIS A 94 20.20 17.79 -18.95
C HIS A 94 20.64 16.57 -19.76
N HIS A 95 21.51 16.79 -20.74
CA HIS A 95 22.01 15.70 -21.59
C HIS A 95 23.24 16.16 -22.39
N HIS A 96 23.15 17.33 -23.01
CA HIS A 96 24.26 17.87 -23.82
C HIS A 96 25.50 18.09 -22.94
N HIS A 97 25.35 18.85 -21.86
CA HIS A 97 26.46 19.16 -20.95
C HIS A 97 26.69 17.98 -19.99
N HIS A 98 27.93 17.82 -19.55
CA HIS A 98 28.31 16.75 -18.63
C HIS A 98 27.98 15.37 -19.22
N MET A 1 -21.22 -9.95 -11.99
CA MET A 1 -19.73 -10.00 -11.85
C MET A 1 -19.31 -9.11 -10.68
N LYS A 2 -19.20 -9.70 -9.50
CA LYS A 2 -18.81 -8.95 -8.29
C LYS A 2 -17.39 -8.39 -8.47
N THR A 3 -17.31 -7.09 -8.74
CA THR A 3 -16.03 -6.42 -8.93
C THR A 3 -15.24 -6.41 -7.65
N LEU A 4 -15.93 -6.54 -6.52
CA LEU A 4 -15.29 -6.56 -5.20
C LEU A 4 -14.54 -5.26 -4.92
N TYR A 5 -14.54 -4.82 -3.67
CA TYR A 5 -13.83 -3.60 -3.28
C TYR A 5 -12.33 -3.75 -3.60
N ASP A 6 -11.76 -2.74 -4.23
CA ASP A 6 -10.32 -2.75 -4.58
C ASP A 6 -9.51 -2.10 -3.49
N LEU A 7 -10.19 -1.58 -2.47
CA LEU A 7 -9.53 -0.88 -1.31
C LEU A 7 -8.03 -0.54 -1.62
N PRO A 8 -7.76 0.43 -2.44
CA PRO A 8 -6.35 0.78 -2.81
C PRO A 8 -5.46 1.00 -1.59
N ILE A 9 -4.23 0.50 -1.66
CA ILE A 9 -3.27 0.62 -0.57
C ILE A 9 -2.61 1.99 -0.63
N VAL A 10 -2.32 2.52 0.55
CA VAL A 10 -1.68 3.85 0.66
C VAL A 10 -0.25 3.68 1.12
N LEU A 11 0.65 4.49 0.55
CA LEU A 11 2.07 4.43 0.93
C LEU A 11 2.42 5.60 1.84
N ARG A 12 2.92 5.28 3.05
CA ARG A 12 3.32 6.31 4.03
C ARG A 12 4.83 6.40 4.09
N ASN A 13 5.31 7.56 4.49
CA ASN A 13 6.74 7.80 4.61
C ASN A 13 7.43 7.58 3.26
N LEU A 14 6.84 8.15 2.22
CA LEU A 14 7.41 8.04 0.86
C LEU A 14 8.35 9.25 0.52
N PRO A 15 9.64 9.12 0.66
CA PRO A 15 10.57 10.25 0.27
C PRO A 15 10.36 10.64 -1.22
N GLU A 16 10.09 11.92 -1.47
CA GLU A 16 9.88 12.43 -2.85
C GLU A 16 10.96 11.92 -3.81
N ASP A 17 12.22 12.07 -3.40
CA ASP A 17 13.39 11.66 -4.23
C ASP A 17 13.15 10.31 -4.92
N LEU A 18 12.21 9.53 -4.38
CA LEU A 18 11.84 8.22 -4.93
C LEU A 18 10.39 8.26 -5.39
N VAL A 19 10.09 7.51 -6.45
CA VAL A 19 8.72 7.48 -7.00
C VAL A 19 8.38 6.09 -7.46
N LEU A 20 7.08 5.78 -7.44
CA LEU A 20 6.58 4.47 -7.84
C LEU A 20 6.09 4.53 -9.28
N GLU A 21 6.41 3.52 -10.08
CA GLU A 21 5.98 3.46 -11.49
C GLU A 21 4.45 3.49 -11.58
N LYS A 22 3.75 2.80 -10.68
CA LYS A 22 2.27 2.78 -10.73
C LYS A 22 1.67 2.25 -9.41
N PRO A 23 0.41 2.46 -9.14
CA PRO A 23 -0.25 1.97 -7.89
C PRO A 23 -0.01 0.49 -7.66
N LEU A 24 1.16 0.19 -7.10
CA LEU A 24 1.59 -1.22 -6.76
C LEU A 24 0.44 -2.30 -6.93
N PRO A 25 0.73 -3.53 -7.27
CA PRO A 25 -0.32 -4.56 -7.49
C PRO A 25 -1.11 -4.86 -6.21
N GLU A 26 -2.33 -5.33 -6.37
CA GLU A 26 -3.22 -5.67 -5.26
C GLU A 26 -3.34 -7.17 -5.16
N VAL A 27 -3.76 -7.61 -3.99
CA VAL A 27 -3.91 -9.05 -3.68
C VAL A 27 -5.19 -9.28 -2.86
N SER A 28 -5.58 -10.56 -2.76
CA SER A 28 -6.78 -10.95 -2.02
C SER A 28 -6.45 -11.18 -0.54
N VAL A 29 -7.33 -10.72 0.32
CA VAL A 29 -7.14 -10.87 1.80
C VAL A 29 -8.21 -11.80 2.35
N THR A 30 -7.84 -12.70 3.25
CA THR A 30 -8.84 -13.64 3.84
C THR A 30 -8.91 -13.44 5.35
N ILE A 31 -10.11 -13.17 5.87
CA ILE A 31 -10.32 -12.98 7.32
C ILE A 31 -11.45 -13.88 7.82
N ARG A 32 -11.46 -14.13 9.12
CA ARG A 32 -12.48 -14.99 9.78
C ARG A 32 -13.07 -14.26 10.98
N ALA A 33 -14.38 -14.06 10.95
CA ALA A 33 -15.07 -13.37 12.03
C ALA A 33 -16.58 -13.61 11.91
N TYR A 34 -17.32 -13.09 12.89
CA TYR A 34 -18.77 -13.25 12.92
C TYR A 34 -19.44 -12.41 11.80
N PRO A 35 -20.56 -12.81 11.26
CA PRO A 35 -21.26 -12.03 10.19
C PRO A 35 -21.86 -10.73 10.75
N GLU A 36 -22.24 -10.74 12.03
CA GLU A 36 -22.86 -9.55 12.65
C GLU A 36 -21.92 -8.34 12.64
N ILE A 37 -20.64 -8.61 12.92
CA ILE A 37 -19.63 -7.54 12.94
C ILE A 37 -19.11 -7.27 11.53
N LEU A 38 -19.02 -8.33 10.73
CA LEU A 38 -18.54 -8.20 9.34
C LEU A 38 -19.56 -7.44 8.51
N ASN A 39 -20.84 -7.66 8.82
CA ASN A 39 -21.93 -6.99 8.09
C ASN A 39 -22.06 -5.55 8.55
N ASN A 40 -21.39 -5.22 9.66
CA ASN A 40 -21.39 -3.87 10.23
C ASN A 40 -20.09 -3.15 9.89
N LEU A 41 -18.99 -3.88 9.82
CA LEU A 41 -17.67 -3.33 9.53
C LEU A 41 -17.67 -2.74 8.11
N THR A 42 -17.01 -1.59 7.94
CA THR A 42 -16.92 -0.92 6.63
C THR A 42 -15.44 -0.78 6.21
N LYS A 43 -15.19 -0.84 4.92
CA LYS A 43 -13.81 -0.72 4.41
C LYS A 43 -13.09 0.56 4.92
N GLU A 44 -13.84 1.65 5.02
CA GLU A 44 -13.29 2.94 5.47
C GLU A 44 -12.68 2.81 6.87
N GLN A 45 -13.10 1.80 7.63
CA GLN A 45 -12.57 1.59 8.98
C GLN A 45 -11.17 0.98 8.93
N ILE A 46 -10.94 0.05 8.00
CA ILE A 46 -9.66 -0.63 7.89
C ILE A 46 -8.57 0.36 7.47
N SER A 47 -7.49 0.40 8.23
CA SER A 47 -6.34 1.29 7.97
C SER A 47 -5.17 0.47 7.45
N LEU A 48 -4.96 0.50 6.14
CA LEU A 48 -3.87 -0.27 5.49
C LEU A 48 -2.90 0.68 4.85
N TRP A 49 -1.61 0.46 5.11
CA TRP A 49 -0.56 1.27 4.54
C TRP A 49 0.75 0.52 4.60
N ILE A 50 1.83 1.15 4.15
CA ILE A 50 3.17 0.56 4.15
C ILE A 50 4.23 1.62 4.51
N ASP A 51 5.32 1.15 5.11
CA ASP A 51 6.44 2.03 5.52
C ASP A 51 7.64 1.91 4.56
N ALA A 52 7.86 2.94 3.75
CA ALA A 52 8.99 2.93 2.79
C ALA A 52 10.27 3.40 3.48
N THR A 53 10.20 3.71 4.77
CA THR A 53 11.38 4.16 5.53
C THR A 53 12.39 3.04 5.61
N GLY A 54 13.65 3.38 5.87
CA GLY A 54 14.72 2.38 5.97
C GLY A 54 14.97 1.71 4.60
N LYS A 55 13.88 1.31 3.95
CA LYS A 55 13.93 0.65 2.65
C LYS A 55 14.66 1.54 1.65
N ALA A 56 15.25 0.90 0.65
CA ALA A 56 16.00 1.59 -0.40
C ALA A 56 15.41 1.23 -1.75
N VAL A 57 16.03 1.78 -2.79
CA VAL A 57 15.59 1.54 -4.16
C VAL A 57 15.71 0.06 -4.49
N GLY A 58 14.79 -0.43 -5.30
CA GLY A 58 14.76 -1.83 -5.74
C GLY A 58 13.44 -2.47 -5.34
N GLU A 59 13.29 -3.73 -5.70
CA GLU A 59 12.06 -4.48 -5.40
C GLU A 59 12.26 -5.45 -4.22
N HIS A 60 11.36 -5.35 -3.25
CA HIS A 60 11.41 -6.20 -2.07
C HIS A 60 10.00 -6.48 -1.57
N THR A 61 9.83 -7.61 -0.88
CA THR A 61 8.53 -7.99 -0.31
C THR A 61 8.37 -7.32 1.04
N VAL A 62 7.15 -6.87 1.35
CA VAL A 62 6.89 -6.18 2.62
C VAL A 62 5.51 -6.56 3.17
N LYS A 63 5.38 -6.48 4.49
CA LYS A 63 4.12 -6.80 5.19
C LYS A 63 3.36 -5.52 5.59
N ILE A 64 2.04 -5.62 5.53
CA ILE A 64 1.17 -4.49 5.86
C ILE A 64 1.23 -4.25 7.36
N TYR A 65 1.29 -2.99 7.79
CA TYR A 65 1.36 -2.66 9.22
C TYR A 65 0.18 -3.26 9.97
N TRP A 66 -0.92 -3.50 9.26
CA TRP A 66 -2.13 -4.08 9.83
C TRP A 66 -2.70 -3.21 10.95
N GLN A 67 -3.90 -2.67 10.76
CA GLN A 67 -4.54 -1.83 11.79
C GLN A 67 -6.05 -1.89 11.66
N LEU A 68 -6.68 -2.66 12.55
CA LEU A 68 -8.14 -2.77 12.55
C LEU A 68 -8.65 -3.31 13.91
N PRO A 69 -9.71 -2.78 14.45
CA PRO A 69 -10.25 -3.26 15.77
C PRO A 69 -11.14 -4.50 15.60
N ALA A 70 -12.08 -4.62 16.54
CA ALA A 70 -13.02 -5.73 16.56
C ALA A 70 -12.32 -7.02 16.99
N GLY A 71 -13.01 -8.14 16.84
CA GLY A 71 -12.50 -9.48 17.21
C GLY A 71 -12.16 -10.27 15.95
N ILE A 72 -11.37 -9.65 15.07
CA ILE A 72 -10.96 -10.27 13.81
C ILE A 72 -9.64 -11.02 13.99
N GLU A 73 -9.55 -12.18 13.34
CA GLU A 73 -8.34 -13.01 13.37
C GLU A 73 -7.63 -12.95 12.00
N MET A 74 -6.31 -12.81 12.05
CA MET A 74 -5.51 -12.75 10.81
C MET A 74 -5.24 -14.17 10.30
N VAL A 75 -5.97 -14.59 9.28
CA VAL A 75 -5.79 -15.94 8.72
C VAL A 75 -4.36 -16.10 8.25
N SER A 76 -4.06 -15.57 7.07
CA SER A 76 -2.72 -15.67 6.50
C SER A 76 -2.64 -14.79 5.28
N ILE A 77 -1.42 -14.42 4.89
CA ILE A 77 -1.21 -13.63 3.67
C ILE A 77 -2.02 -12.30 3.70
N PRO A 78 -1.96 -11.46 2.71
CA PRO A 78 -1.06 -11.55 1.51
C PRO A 78 0.13 -10.67 1.61
N ASP A 79 1.04 -10.84 0.67
CA ASP A 79 2.28 -10.13 0.58
C ASP A 79 2.22 -9.24 -0.62
N VAL A 80 3.02 -8.18 -0.59
CA VAL A 80 3.05 -7.22 -1.70
C VAL A 80 4.48 -7.05 -2.22
N THR A 81 4.60 -6.97 -3.53
CA THR A 81 5.92 -6.77 -4.18
C THR A 81 5.79 -5.72 -5.30
N TYR A 82 6.70 -4.77 -5.31
CA TYR A 82 6.69 -3.71 -6.33
C TYR A 82 8.09 -3.26 -6.66
N THR A 83 8.22 -2.28 -7.56
CA THR A 83 9.57 -1.77 -7.97
C THR A 83 9.69 -0.28 -7.68
N LEU A 84 10.73 0.09 -6.93
CA LEU A 84 10.97 1.50 -6.59
C LEU A 84 12.14 2.05 -7.41
N LYS A 85 11.96 3.24 -7.96
CA LYS A 85 13.01 3.90 -8.77
C LYS A 85 13.22 5.34 -8.32
N ALA A 86 14.37 5.89 -8.68
CA ALA A 86 14.74 7.27 -8.33
C ALA A 86 13.97 8.28 -9.17
N LYS A 87 13.64 9.41 -8.57
CA LYS A 87 12.91 10.47 -9.25
C LYS A 87 13.69 10.94 -10.48
N GLU A 88 12.96 11.43 -11.47
CA GLU A 88 13.53 11.91 -12.74
C GLU A 88 13.62 13.43 -12.73
N ASP A 89 12.70 14.08 -13.43
CA ASP A 89 12.67 15.54 -13.54
C ASP A 89 11.64 16.19 -12.58
N PRO A 90 11.91 17.37 -12.08
CA PRO A 90 10.96 18.08 -11.15
C PRO A 90 9.94 18.90 -11.93
N LEU A 91 10.32 19.36 -13.12
CA LEU A 91 9.43 20.18 -13.95
C LEU A 91 8.45 19.31 -14.72
N GLU A 92 8.93 18.63 -15.75
CA GLU A 92 8.07 17.77 -16.58
C GLU A 92 8.93 16.92 -17.52
N HIS A 93 9.62 17.55 -18.47
CA HIS A 93 10.47 16.85 -19.45
C HIS A 93 11.89 16.68 -18.89
N HIS A 94 12.55 15.61 -19.33
CA HIS A 94 13.92 15.30 -18.88
C HIS A 94 14.94 16.13 -19.69
N HIS A 95 15.69 16.98 -18.99
CA HIS A 95 16.70 17.82 -19.63
C HIS A 95 17.88 16.97 -20.10
N HIS A 96 18.65 16.43 -19.16
CA HIS A 96 19.82 15.62 -19.47
C HIS A 96 20.74 16.33 -20.46
N HIS A 97 21.76 17.02 -19.93
CA HIS A 97 22.70 17.76 -20.76
C HIS A 97 23.52 16.80 -21.62
N HIS A 98 23.90 17.24 -22.82
CA HIS A 98 24.69 16.43 -23.75
C HIS A 98 23.97 15.10 -24.05
#